data_7DZ2
#
_entry.id   7DZ2
#
_cell.length_a   62.973
_cell.length_b   88.297
_cell.length_c   128.695
_cell.angle_alpha   90.000
_cell.angle_beta   99.294
_cell.angle_gamma   90.000
#
_symmetry.space_group_name_H-M   'P 1 21 1'
#
loop_
_entity.id
_entity.type
_entity.pdbx_description
1 polymer 'D-tagatose 3-epimerase'
2 non-polymer 'MAGNESIUM ION'
3 non-polymer 'SULFATE ION'
4 water water
#
_entity_poly.entity_id   1
_entity_poly.type   'polypeptide(L)'
_entity_poly.pdbx_seq_one_letter_code
;MTMQGFGVHTSMWTMNWDRPGAERAVAAALKYEVDFIEIPMLNPPAVDTEHTRALLEKNELRALCSLGLPERAWASVRPD
AAIEHLKVAIDKTADLGGEALSGVIYGGIGERTGVPPTEAEYDNIARVLSAAAKHAKSRGIELGVEAVNRYENHLINTGW
QAVQMIERVGADNIFVHLDTYHMNIEEKGVGNGILDAREHLKYIHLSESDRGTPGYGTCGWDEIFSTLAAIGFKGGLAME
SFINMPPEVAYGLAVWRPVAKDEEEVMGNGLPFLRNKAKQYGLIGN
;
_entity_poly.pdbx_strand_id   A,B,C,D
#
# COMPACT_ATOMS: atom_id res chain seq x y z
N MET A 3 7.77 -11.40 -26.82
CA MET A 3 8.44 -11.81 -25.58
C MET A 3 7.40 -12.16 -24.51
N GLN A 4 7.67 -13.23 -23.76
CA GLN A 4 6.74 -13.72 -22.75
C GLN A 4 7.54 -14.26 -21.57
N GLY A 5 6.89 -14.32 -20.41
CA GLY A 5 7.54 -14.82 -19.23
C GLY A 5 8.48 -13.82 -18.61
N PHE A 6 9.46 -14.35 -17.87
CA PHE A 6 10.39 -13.56 -17.07
C PHE A 6 11.73 -13.42 -17.77
N GLY A 7 12.31 -12.23 -17.69
CA GLY A 7 13.63 -11.98 -18.19
C GLY A 7 14.36 -11.02 -17.28
N VAL A 8 15.61 -10.73 -17.67
CA VAL A 8 16.44 -9.77 -16.96
C VAL A 8 17.09 -8.85 -17.97
N HIS A 9 17.15 -7.57 -17.63
CA HIS A 9 18.06 -6.67 -18.30
C HIS A 9 19.48 -7.02 -17.87
N THR A 10 20.38 -7.24 -18.84
CA THR A 10 21.69 -7.80 -18.48
C THR A 10 22.65 -6.80 -17.85
N SER A 11 22.22 -5.56 -17.54
CA SER A 11 23.14 -4.56 -17.01
C SER A 11 23.84 -5.02 -15.74
N MET A 12 23.22 -5.93 -14.99
CA MET A 12 23.84 -6.39 -13.74
C MET A 12 25.11 -7.19 -13.99
N TRP A 13 25.34 -7.64 -15.22
CA TRP A 13 26.53 -8.42 -15.53
C TRP A 13 27.28 -7.81 -16.70
N THR A 14 26.56 -7.17 -17.62
CA THR A 14 27.15 -6.75 -18.88
C THR A 14 26.43 -5.52 -19.41
N MET A 15 27.14 -4.39 -19.46
CA MET A 15 26.69 -3.23 -20.22
C MET A 15 27.41 -3.08 -21.54
N ASN A 16 28.61 -3.65 -21.65
CA ASN A 16 29.42 -3.67 -22.88
C ASN A 16 29.28 -5.07 -23.48
N TRP A 17 28.48 -5.18 -24.54
CA TRP A 17 28.14 -6.48 -25.13
C TRP A 17 29.23 -6.91 -26.09
N ASP A 18 30.40 -7.19 -25.52
CA ASP A 18 31.48 -7.80 -26.28
C ASP A 18 31.40 -9.32 -26.08
N ARG A 19 32.37 -10.06 -26.63
CA ARG A 19 32.27 -11.52 -26.58
C ARG A 19 32.27 -12.05 -25.16
N PRO A 20 33.21 -11.71 -24.27
CA PRO A 20 33.11 -12.24 -22.90
C PRO A 20 31.92 -11.71 -22.15
N GLY A 21 31.51 -10.48 -22.43
CA GLY A 21 30.32 -9.94 -21.76
C GLY A 21 29.06 -10.69 -22.13
N ALA A 22 28.90 -11.02 -23.42
CA ALA A 22 27.76 -11.82 -23.86
C ALA A 22 27.76 -13.18 -23.18
N GLU A 23 28.93 -13.83 -23.11
CA GLU A 23 29.01 -15.12 -22.44
C GLU A 23 28.63 -14.99 -20.97
N ARG A 24 29.11 -13.93 -20.31
CA ARG A 24 28.84 -13.72 -18.89
C ARG A 24 27.35 -13.50 -18.65
N ALA A 25 26.70 -12.74 -19.53
CA ALA A 25 25.29 -12.44 -19.30
C ALA A 25 24.42 -13.67 -19.57
N VAL A 26 24.76 -14.46 -20.59
CA VAL A 26 23.99 -15.68 -20.86
C VAL A 26 24.17 -16.68 -19.72
N ALA A 27 25.38 -16.74 -19.14
CA ALA A 27 25.59 -17.63 -18.00
C ALA A 27 24.72 -17.24 -16.82
N ALA A 28 24.62 -15.93 -16.54
CA ALA A 28 23.72 -15.47 -15.49
C ALA A 28 22.27 -15.80 -15.80
N ALA A 29 21.84 -15.62 -17.06
CA ALA A 29 20.46 -15.92 -17.42
C ALA A 29 20.12 -17.37 -17.18
N LEU A 30 21.07 -18.27 -17.47
CA LEU A 30 20.85 -19.68 -17.17
C LEU A 30 20.83 -19.94 -15.68
N LYS A 31 21.72 -19.29 -14.93
CA LYS A 31 21.74 -19.45 -13.47
C LYS A 31 20.39 -19.11 -12.86
N TYR A 32 19.76 -18.03 -13.33
CA TYR A 32 18.50 -17.57 -12.75
C TYR A 32 17.28 -18.11 -13.49
N GLU A 33 17.49 -18.97 -14.48
CA GLU A 33 16.43 -19.74 -15.14
C GLU A 33 15.37 -18.83 -15.78
N VAL A 34 15.82 -17.76 -16.42
CA VAL A 34 14.91 -16.82 -17.06
C VAL A 34 14.59 -17.28 -18.47
N ASP A 35 13.52 -16.72 -19.04
CA ASP A 35 13.08 -17.03 -20.38
C ASP A 35 13.78 -16.19 -21.45
N PHE A 36 14.19 -14.96 -21.11
CA PHE A 36 14.77 -14.08 -22.11
C PHE A 36 15.72 -13.11 -21.44
N ILE A 37 16.56 -12.47 -22.26
CA ILE A 37 17.41 -11.38 -21.79
C ILE A 37 17.14 -10.14 -22.62
N GLU A 38 17.37 -9.00 -21.99
CA GLU A 38 17.38 -7.71 -22.67
C GLU A 38 18.83 -7.25 -22.78
N ILE A 39 19.29 -7.02 -24.01
CA ILE A 39 20.68 -6.73 -24.30
C ILE A 39 20.81 -5.22 -24.51
N PRO A 40 21.53 -4.50 -23.65
CA PRO A 40 21.79 -3.08 -23.92
C PRO A 40 22.79 -2.93 -25.05
N MET A 41 22.53 -1.98 -25.94
CA MET A 41 23.45 -1.73 -27.05
C MET A 41 24.02 -0.33 -26.94
N LEU A 42 25.10 -0.20 -26.17
CA LEU A 42 25.81 1.06 -26.02
C LEU A 42 26.52 1.46 -27.30
N ASN A 43 26.96 0.48 -28.08
CA ASN A 43 27.72 0.72 -29.31
C ASN A 43 27.32 -0.34 -30.32
N PRO A 44 26.16 -0.17 -30.97
CA PRO A 44 25.62 -1.21 -31.85
C PRO A 44 26.62 -1.70 -32.89
N PRO A 45 27.40 -0.83 -33.53
CA PRO A 45 28.32 -1.34 -34.57
C PRO A 45 29.28 -2.42 -34.09
N ALA A 46 29.61 -2.46 -32.80
CA ALA A 46 30.62 -3.38 -32.29
C ALA A 46 30.05 -4.75 -31.91
N VAL A 47 28.75 -4.96 -32.03
CA VAL A 47 28.16 -6.21 -31.57
C VAL A 47 28.47 -7.31 -32.58
N ASP A 48 28.94 -8.46 -32.09
CA ASP A 48 29.16 -9.64 -32.92
C ASP A 48 27.83 -10.40 -32.98
N THR A 49 27.10 -10.22 -34.08
CA THR A 49 25.74 -10.76 -34.16
C THR A 49 25.73 -12.27 -34.22
N GLU A 50 26.71 -12.87 -34.90
CA GLU A 50 26.66 -14.32 -35.06
C GLU A 50 27.00 -15.05 -33.77
N HIS A 51 27.97 -14.53 -33.01
CA HIS A 51 28.30 -15.14 -31.73
C HIS A 51 27.10 -15.08 -30.78
N THR A 52 26.42 -13.93 -30.73
CA THR A 52 25.27 -13.82 -29.85
C THR A 52 24.12 -14.69 -30.34
N ARG A 53 23.86 -14.69 -31.65
CA ARG A 53 22.79 -15.55 -32.18
C ARG A 53 23.03 -17.01 -31.82
N ALA A 54 24.26 -17.48 -31.99
CA ALA A 54 24.58 -18.87 -31.66
C ALA A 54 24.39 -19.14 -30.17
N LEU A 55 24.80 -18.19 -29.31
CA LEU A 55 24.64 -18.36 -27.87
C LEU A 55 23.17 -18.47 -27.50
N LEU A 56 22.34 -17.59 -28.08
CA LEU A 56 20.91 -17.62 -27.76
C LEU A 56 20.27 -18.90 -28.21
N GLU A 57 20.59 -19.36 -29.43
CA GLU A 57 19.95 -20.56 -29.94
C GLU A 57 20.42 -21.79 -29.19
N LYS A 58 21.72 -21.88 -28.88
CA LYS A 58 22.22 -23.04 -28.15
C LYS A 58 21.59 -23.16 -26.78
N ASN A 59 21.30 -22.04 -26.13
CA ASN A 59 20.80 -22.06 -24.78
C ASN A 59 19.29 -21.81 -24.70
N GLU A 60 18.58 -21.87 -25.83
CA GLU A 60 17.13 -21.69 -25.89
C GLU A 60 16.69 -20.45 -25.13
N LEU A 61 17.38 -19.35 -25.37
CA LEU A 61 17.06 -18.06 -24.76
C LEU A 61 16.54 -17.12 -25.83
N ARG A 62 15.49 -16.38 -25.51
CA ARG A 62 15.05 -15.33 -26.41
C ARG A 62 15.69 -14.01 -25.97
N ALA A 63 15.64 -13.01 -26.86
CA ALA A 63 16.25 -11.75 -26.52
C ALA A 63 15.57 -10.60 -27.25
N LEU A 64 15.65 -9.45 -26.62
CA LEU A 64 15.46 -8.17 -27.31
C LEU A 64 16.61 -7.25 -26.94
N CYS A 65 16.69 -6.12 -27.61
CA CYS A 65 17.75 -5.17 -27.36
C CYS A 65 17.15 -3.82 -26.97
N SER A 66 17.95 -3.01 -26.30
CA SER A 66 17.48 -1.68 -25.93
C SER A 66 18.62 -0.67 -25.98
N LEU A 67 18.26 0.59 -26.16
CA LEU A 67 19.25 1.66 -26.14
C LEU A 67 18.55 2.96 -25.78
N GLY A 68 19.38 3.97 -25.51
CA GLY A 68 18.96 5.35 -25.56
C GLY A 68 19.83 6.07 -26.58
N LEU A 69 19.24 7.04 -27.28
CA LEU A 69 20.00 7.70 -28.34
C LEU A 69 21.08 8.60 -27.75
N PRO A 70 22.28 8.60 -28.33
CA PRO A 70 23.30 9.56 -27.90
C PRO A 70 22.93 10.96 -28.36
N GLU A 71 23.55 11.96 -27.72
CA GLU A 71 23.17 13.34 -27.98
C GLU A 71 23.32 13.74 -29.45
N ARG A 72 24.36 13.23 -30.13
CA ARG A 72 24.51 13.55 -31.55
C ARG A 72 23.35 13.04 -32.40
N ALA A 73 22.49 12.18 -31.85
CA ALA A 73 21.39 11.60 -32.61
C ALA A 73 20.05 11.75 -31.91
N TRP A 74 19.89 12.74 -31.02
CA TRP A 74 18.60 12.94 -30.36
C TRP A 74 17.52 13.27 -31.38
N ALA A 75 16.46 12.44 -31.40
CA ALA A 75 15.47 12.51 -32.48
C ALA A 75 14.76 13.86 -32.53
N SER A 76 14.51 14.49 -31.37
CA SER A 76 13.72 15.72 -31.37
C SER A 76 14.39 16.86 -32.11
N VAL A 77 15.72 16.86 -32.19
CA VAL A 77 16.49 17.95 -32.77
C VAL A 77 17.36 17.52 -33.94
N ARG A 78 17.76 16.25 -34.00
CA ARG A 78 18.65 15.75 -35.05
C ARG A 78 18.05 14.47 -35.62
N PRO A 79 16.89 14.58 -36.26
CA PRO A 79 16.16 13.38 -36.69
C PRO A 79 16.89 12.57 -37.75
N ASP A 80 17.62 13.20 -38.67
CA ASP A 80 18.34 12.41 -39.67
C ASP A 80 19.38 11.51 -39.00
N ALA A 81 20.12 12.07 -38.03
CA ALA A 81 21.10 11.28 -37.30
C ALA A 81 20.43 10.20 -36.46
N ALA A 82 19.26 10.50 -35.89
CA ALA A 82 18.53 9.48 -35.13
C ALA A 82 18.17 8.29 -36.02
N ILE A 83 17.68 8.57 -37.22
CA ILE A 83 17.31 7.50 -38.14
C ILE A 83 18.52 6.65 -38.46
N GLU A 84 19.67 7.29 -38.73
CA GLU A 84 20.87 6.53 -39.06
C GLU A 84 21.29 5.64 -37.89
N HIS A 85 21.23 6.17 -36.67
CA HIS A 85 21.61 5.39 -35.50
C HIS A 85 20.66 4.22 -35.30
N LEU A 86 19.35 4.47 -35.42
CA LEU A 86 18.37 3.43 -35.18
C LEU A 86 18.45 2.33 -36.25
N LYS A 87 18.72 2.68 -37.51
CA LYS A 87 18.83 1.65 -38.53
C LYS A 87 19.93 0.65 -38.21
N VAL A 88 21.09 1.16 -37.77
CA VAL A 88 22.20 0.27 -37.41
C VAL A 88 21.78 -0.63 -36.24
N ALA A 89 21.13 -0.05 -35.23
CA ALA A 89 20.76 -0.85 -34.07
C ALA A 89 19.69 -1.88 -34.41
N ILE A 90 18.72 -1.51 -35.27
CA ILE A 90 17.68 -2.42 -35.70
C ILE A 90 18.29 -3.60 -36.46
N ASP A 91 19.23 -3.33 -37.36
CA ASP A 91 19.86 -4.41 -38.11
C ASP A 91 20.65 -5.33 -37.18
N LYS A 92 21.43 -4.76 -36.26
CA LYS A 92 22.17 -5.61 -35.33
C LYS A 92 21.23 -6.44 -34.47
N THR A 93 20.15 -5.82 -33.98
CA THR A 93 19.18 -6.57 -33.19
C THR A 93 18.63 -7.76 -33.97
N ALA A 94 18.19 -7.52 -35.20
CA ALA A 94 17.62 -8.59 -36.00
C ALA A 94 18.66 -9.67 -36.30
N ASP A 95 19.90 -9.25 -36.58
CA ASP A 95 20.90 -10.21 -37.00
C ASP A 95 21.37 -11.09 -35.85
N LEU A 96 21.28 -10.61 -34.62
CA LEU A 96 21.62 -11.45 -33.48
C LEU A 96 20.45 -12.31 -33.02
N GLY A 97 19.29 -12.18 -33.65
CA GLY A 97 18.12 -12.96 -33.28
C GLY A 97 17.18 -12.27 -32.31
N GLY A 98 17.41 -10.98 -32.02
CA GLY A 98 16.51 -10.26 -31.15
C GLY A 98 15.17 -10.00 -31.80
N GLU A 99 14.14 -9.86 -30.97
CA GLU A 99 12.79 -9.73 -31.50
C GLU A 99 12.27 -8.31 -31.46
N ALA A 100 12.99 -7.40 -30.81
CA ALA A 100 12.56 -6.02 -30.73
C ALA A 100 13.74 -5.16 -30.30
N LEU A 101 13.65 -3.88 -30.64
CA LEU A 101 14.54 -2.86 -30.10
C LEU A 101 13.69 -1.90 -29.31
N SER A 102 13.97 -1.77 -28.02
CA SER A 102 13.12 -0.97 -27.15
C SER A 102 13.97 0.06 -26.42
N GLY A 103 13.36 0.78 -25.49
CA GLY A 103 14.09 1.74 -24.70
C GLY A 103 13.78 3.16 -25.09
N VAL A 104 14.74 4.04 -24.85
CA VAL A 104 14.55 5.45 -25.17
C VAL A 104 15.01 5.63 -26.62
N ILE A 105 14.21 5.08 -27.55
CA ILE A 105 14.58 5.11 -28.97
C ILE A 105 14.10 6.39 -29.64
N TYR A 106 13.38 7.25 -28.92
CA TYR A 106 12.79 8.48 -29.42
C TYR A 106 13.54 9.70 -28.96
N GLY A 107 14.61 9.51 -28.19
CA GLY A 107 15.33 10.63 -27.64
C GLY A 107 16.45 10.10 -26.81
N GLY A 108 16.98 10.95 -25.92
CA GLY A 108 18.11 10.56 -25.11
C GLY A 108 17.88 10.88 -23.66
N ILE A 109 18.59 10.14 -22.81
CA ILE A 109 18.74 10.52 -21.41
C ILE A 109 19.55 11.80 -21.35
N GLY A 110 18.98 12.83 -20.74
CA GLY A 110 19.61 14.13 -20.65
C GLY A 110 18.94 15.21 -21.46
N GLU A 111 17.87 14.92 -22.20
CA GLU A 111 17.15 15.97 -22.89
C GLU A 111 16.30 16.75 -21.89
N ARG A 112 16.33 18.06 -22.03
CA ARG A 112 15.58 18.98 -21.17
C ARG A 112 15.66 20.37 -21.78
N THR A 113 14.51 20.93 -22.12
CA THR A 113 14.48 22.30 -22.63
C THR A 113 14.12 23.33 -21.57
N GLY A 114 13.57 22.90 -20.43
CA GLY A 114 13.05 23.79 -19.42
C GLY A 114 11.61 24.20 -19.61
N VAL A 115 10.99 23.78 -20.71
CA VAL A 115 9.59 24.10 -21.03
C VAL A 115 8.89 22.84 -21.50
N PRO A 116 7.56 22.85 -21.65
CA PRO A 116 6.85 21.66 -22.08
C PRO A 116 7.30 21.21 -23.47
N PRO A 117 7.18 19.91 -23.77
CA PRO A 117 7.46 19.43 -25.12
C PRO A 117 6.54 20.10 -26.15
N THR A 118 7.09 20.31 -27.35
CA THR A 118 6.41 21.05 -28.40
C THR A 118 5.99 20.14 -29.55
N GLU A 119 5.07 20.65 -30.35
CA GLU A 119 4.67 19.94 -31.56
C GLU A 119 5.85 19.76 -32.51
N ALA A 120 6.74 20.76 -32.61
CA ALA A 120 7.91 20.61 -33.47
C ALA A 120 8.75 19.42 -33.04
N GLU A 121 8.97 19.27 -31.73
CA GLU A 121 9.77 18.15 -31.24
C GLU A 121 9.07 16.83 -31.55
N TYR A 122 7.77 16.77 -31.29
CA TYR A 122 7.01 15.54 -31.53
C TYR A 122 6.93 15.23 -33.01
N ASP A 123 6.88 16.25 -33.87
CA ASP A 123 6.90 16.01 -35.31
C ASP A 123 8.19 15.33 -35.74
N ASN A 124 9.33 15.78 -35.21
CA ASN A 124 10.60 15.13 -35.53
C ASN A 124 10.64 13.71 -34.98
N ILE A 125 10.17 13.50 -33.75
CA ILE A 125 10.17 12.14 -33.19
C ILE A 125 9.30 11.22 -34.02
N ALA A 126 8.13 11.69 -34.45
CA ALA A 126 7.25 10.86 -35.27
C ALA A 126 7.90 10.50 -36.59
N ARG A 127 8.59 11.46 -37.23
CA ARG A 127 9.26 11.12 -38.49
C ARG A 127 10.33 10.06 -38.28
N VAL A 128 11.08 10.17 -37.18
CA VAL A 128 12.12 9.19 -36.88
C VAL A 128 11.50 7.83 -36.61
N LEU A 129 10.49 7.78 -35.76
CA LEU A 129 9.91 6.50 -35.41
C LEU A 129 9.22 5.87 -36.62
N SER A 130 8.66 6.67 -37.52
CA SER A 130 8.05 6.10 -38.72
C SER A 130 9.11 5.40 -39.57
N ALA A 131 10.23 6.08 -39.80
CA ALA A 131 11.31 5.50 -40.59
C ALA A 131 11.87 4.28 -39.89
N ALA A 132 12.07 4.37 -38.58
CA ALA A 132 12.63 3.23 -37.85
C ALA A 132 11.66 2.05 -37.86
N ALA A 133 10.36 2.32 -37.70
CA ALA A 133 9.39 1.22 -37.70
C ALA A 133 9.38 0.52 -39.05
N LYS A 134 9.48 1.28 -40.14
CA LYS A 134 9.56 0.68 -41.46
C LYS A 134 10.78 -0.22 -41.59
N HIS A 135 11.93 0.25 -41.10
CA HIS A 135 13.15 -0.56 -41.16
C HIS A 135 13.01 -1.81 -40.29
N ALA A 136 12.48 -1.64 -39.09
CA ALA A 136 12.24 -2.79 -38.22
C ALA A 136 11.32 -3.81 -38.88
N LYS A 137 10.23 -3.35 -39.52
CA LYS A 137 9.32 -4.29 -40.19
C LYS A 137 10.04 -5.05 -41.30
N SER A 138 10.91 -4.37 -42.05
CA SER A 138 11.65 -5.05 -43.10
C SER A 138 12.58 -6.12 -42.56
N ARG A 139 13.00 -5.99 -41.30
CA ARG A 139 13.82 -7.02 -40.65
C ARG A 139 13.01 -7.94 -39.76
N GLY A 140 11.69 -7.75 -39.70
CA GLY A 140 10.84 -8.65 -38.95
C GLY A 140 10.87 -8.50 -37.45
N ILE A 141 11.19 -7.30 -36.94
CA ILE A 141 11.19 -7.05 -35.51
C ILE A 141 10.28 -5.88 -35.19
N GLU A 142 10.03 -5.70 -33.89
CA GLU A 142 9.20 -4.60 -33.41
C GLU A 142 10.07 -3.57 -32.68
N LEU A 143 9.47 -2.40 -32.45
CA LEU A 143 10.10 -1.33 -31.68
C LEU A 143 9.29 -1.08 -30.43
N GLY A 144 9.97 -0.77 -29.34
CA GLY A 144 9.31 -0.40 -28.09
C GLY A 144 9.70 1.01 -27.67
N VAL A 145 8.72 1.77 -27.20
CA VAL A 145 8.93 3.12 -26.68
C VAL A 145 8.82 3.05 -25.17
N GLU A 146 9.93 3.30 -24.47
CA GLU A 146 9.96 3.24 -23.00
C GLU A 146 9.68 4.64 -22.45
N ALA A 147 8.59 4.78 -21.71
CA ALA A 147 8.33 6.04 -20.99
C ALA A 147 9.28 6.15 -19.80
N VAL A 148 9.97 7.28 -19.69
CA VAL A 148 10.95 7.50 -18.61
C VAL A 148 10.57 8.77 -17.86
N ASN A 149 11.13 8.96 -16.67
CA ASN A 149 10.64 10.06 -15.86
C ASN A 149 11.11 11.43 -16.38
N ARG A 150 10.42 12.45 -15.86
CA ARG A 150 10.60 13.86 -16.24
C ARG A 150 12.04 14.34 -16.22
N TYR A 151 12.89 13.77 -15.36
CA TYR A 151 14.25 14.25 -15.26
C TYR A 151 15.16 13.67 -16.32
N GLU A 152 14.78 12.53 -16.87
CA GLU A 152 15.62 11.88 -17.88
C GLU A 152 15.35 12.42 -19.26
N ASN A 153 14.11 12.81 -19.52
CA ASN A 153 13.69 13.26 -20.84
C ASN A 153 12.36 13.97 -20.64
N HIS A 154 12.13 15.07 -21.37
CA HIS A 154 10.91 15.84 -21.15
C HIS A 154 9.79 15.47 -22.13
N LEU A 155 9.99 14.47 -22.97
CA LEU A 155 9.08 14.24 -24.09
C LEU A 155 8.07 13.12 -23.86
N ILE A 156 8.47 11.96 -23.31
CA ILE A 156 7.54 10.85 -23.13
C ILE A 156 7.74 10.32 -21.73
N ASN A 157 6.84 10.67 -20.82
CA ASN A 157 6.99 10.34 -19.41
C ASN A 157 5.93 9.39 -18.86
N THR A 158 4.76 9.31 -19.50
CA THR A 158 3.63 8.53 -19.01
C THR A 158 3.23 7.50 -20.07
N GLY A 159 2.51 6.47 -19.61
CA GLY A 159 1.86 5.58 -20.53
C GLY A 159 0.99 6.32 -21.53
N TRP A 160 0.22 7.32 -21.06
CA TRP A 160 -0.68 7.98 -22.01
C TRP A 160 0.10 8.78 -23.05
N GLN A 161 1.25 9.37 -22.69
CA GLN A 161 2.05 10.07 -23.70
C GLN A 161 2.63 9.08 -24.70
N ALA A 162 3.09 7.92 -24.22
CA ALA A 162 3.62 6.91 -25.12
C ALA A 162 2.57 6.47 -26.12
N VAL A 163 1.32 6.26 -25.65
CA VAL A 163 0.27 5.84 -26.56
C VAL A 163 -0.05 6.93 -27.58
N GLN A 164 -0.05 8.19 -27.14
CA GLN A 164 -0.29 9.29 -28.09
C GLN A 164 0.74 9.29 -29.21
N MET A 165 2.00 9.01 -28.90
CA MET A 165 3.02 8.97 -29.93
C MET A 165 2.82 7.77 -30.86
N ILE A 166 2.50 6.61 -30.30
CA ILE A 166 2.24 5.43 -31.13
C ILE A 166 1.09 5.70 -32.09
N GLU A 167 0.05 6.39 -31.61
CA GLU A 167 -1.07 6.74 -32.49
C GLU A 167 -0.64 7.75 -33.54
N ARG A 168 0.21 8.70 -33.15
CA ARG A 168 0.69 9.71 -34.09
C ARG A 168 1.50 9.08 -35.22
N VAL A 169 2.26 8.02 -34.91
CA VAL A 169 3.07 7.39 -35.94
C VAL A 169 2.24 6.45 -36.82
N GLY A 170 1.28 5.75 -36.23
CA GLY A 170 0.40 4.92 -37.02
C GLY A 170 1.03 3.67 -37.57
N ALA A 171 2.16 3.24 -37.04
CA ALA A 171 2.70 1.94 -37.41
C ALA A 171 1.99 0.87 -36.59
N ASP A 172 2.16 -0.39 -36.99
CA ASP A 172 1.56 -1.46 -36.19
C ASP A 172 2.61 -2.27 -35.43
N ASN A 173 3.89 -1.94 -35.56
CA ASN A 173 4.95 -2.70 -34.90
C ASN A 173 5.70 -1.87 -33.85
N ILE A 174 5.08 -0.84 -33.29
CA ILE A 174 5.62 -0.10 -32.16
C ILE A 174 4.74 -0.36 -30.94
N PHE A 175 5.35 -0.80 -29.84
CA PHE A 175 4.61 -1.07 -28.61
C PHE A 175 5.09 -0.16 -27.48
N VAL A 176 4.31 -0.14 -26.37
CA VAL A 176 4.69 0.61 -25.17
C VAL A 176 5.48 -0.28 -24.23
N HIS A 177 6.54 0.30 -23.67
CA HIS A 177 7.43 -0.30 -22.70
C HIS A 177 7.31 0.58 -21.44
N LEU A 178 6.76 0.02 -20.37
CA LEU A 178 6.67 0.75 -19.11
C LEU A 178 7.76 0.29 -18.15
N ASP A 179 8.01 1.11 -17.12
CA ASP A 179 9.06 0.83 -16.14
C ASP A 179 8.54 1.27 -14.79
N THR A 180 8.45 0.33 -13.84
CA THR A 180 7.81 0.66 -12.57
C THR A 180 8.56 1.74 -11.80
N TYR A 181 9.89 1.83 -11.96
CA TYR A 181 10.62 2.92 -11.33
C TYR A 181 10.18 4.28 -11.88
N HIS A 182 10.03 4.37 -13.20
CA HIS A 182 9.57 5.63 -13.78
C HIS A 182 8.09 5.88 -13.46
N MET A 183 7.27 4.83 -13.49
CA MET A 183 5.85 5.01 -13.19
C MET A 183 5.63 5.46 -11.76
N ASN A 184 6.52 5.01 -10.85
CA ASN A 184 6.43 5.39 -9.45
C ASN A 184 6.48 6.90 -9.28
N ILE A 185 7.15 7.59 -10.20
CA ILE A 185 7.19 9.05 -10.22
C ILE A 185 6.06 9.62 -11.06
N GLU A 186 5.84 9.05 -12.25
CA GLU A 186 5.04 9.75 -13.27
C GLU A 186 3.56 9.46 -13.24
N GLU A 187 3.13 8.30 -12.76
CA GLU A 187 1.73 7.92 -12.94
C GLU A 187 0.89 8.32 -11.73
N LYS A 188 -0.29 8.85 -12.02
CA LYS A 188 -1.22 9.31 -10.98
C LYS A 188 -1.94 8.10 -10.39
N GLY A 189 -1.21 7.35 -9.57
CA GLY A 189 -1.58 6.00 -9.21
C GLY A 189 -0.94 5.06 -10.21
N VAL A 190 -0.14 4.10 -9.71
CA VAL A 190 0.77 3.41 -10.60
C VAL A 190 0.01 2.56 -11.62
N GLY A 191 -1.14 2.01 -11.25
CA GLY A 191 -1.92 1.24 -12.19
C GLY A 191 -2.38 2.01 -13.41
N ASN A 192 -2.48 3.34 -13.28
CA ASN A 192 -2.95 4.15 -14.40
C ASN A 192 -2.02 4.11 -15.60
N GLY A 193 -0.72 3.88 -15.39
CA GLY A 193 0.17 3.75 -16.53
C GLY A 193 -0.17 2.51 -17.33
N ILE A 194 -0.43 1.42 -16.64
CA ILE A 194 -0.82 0.17 -17.30
C ILE A 194 -2.18 0.34 -17.96
N LEU A 195 -3.13 0.98 -17.27
CA LEU A 195 -4.45 1.17 -17.83
C LEU A 195 -4.39 2.00 -19.11
N ASP A 196 -3.65 3.11 -19.08
CA ASP A 196 -3.57 3.99 -20.23
C ASP A 196 -2.88 3.31 -21.41
N ALA A 197 -1.90 2.46 -21.15
CA ALA A 197 -1.13 1.81 -22.20
C ALA A 197 -1.68 0.44 -22.60
N ARG A 198 -2.83 0.03 -22.09
CA ARG A 198 -3.22 -1.39 -22.15
C ARG A 198 -3.31 -1.94 -23.57
N GLU A 199 -3.71 -1.11 -24.54
CA GLU A 199 -3.85 -1.63 -25.89
C GLU A 199 -2.51 -1.83 -26.59
N HIS A 200 -1.42 -1.31 -26.02
CA HIS A 200 -0.12 -1.33 -26.68
C HIS A 200 0.98 -1.86 -25.79
N LEU A 201 0.68 -2.25 -24.55
CA LEU A 201 1.70 -2.65 -23.59
C LEU A 201 2.17 -4.07 -23.90
N LYS A 202 3.45 -4.22 -24.24
CA LYS A 202 4.02 -5.53 -24.47
C LYS A 202 5.23 -5.84 -23.60
N TYR A 203 5.66 -4.90 -22.77
CA TYR A 203 6.92 -5.09 -22.06
C TYR A 203 6.95 -4.17 -20.84
N ILE A 204 7.43 -4.69 -19.71
CA ILE A 204 7.53 -3.85 -18.51
C ILE A 204 8.83 -4.17 -17.79
N HIS A 205 9.55 -3.12 -17.42
CA HIS A 205 10.66 -3.24 -16.48
C HIS A 205 10.11 -3.26 -15.07
N LEU A 206 10.42 -4.34 -14.34
CA LEU A 206 10.07 -4.50 -12.94
C LEU A 206 11.29 -4.07 -12.14
N SER A 207 11.26 -2.83 -11.67
CA SER A 207 12.40 -2.21 -11.02
C SER A 207 11.92 -1.55 -9.74
N GLU A 208 12.68 -1.67 -8.68
CA GLU A 208 12.30 -1.00 -7.45
C GLU A 208 12.49 0.51 -7.59
N SER A 209 11.84 1.23 -6.65
CA SER A 209 11.77 2.69 -6.67
C SER A 209 13.13 3.35 -6.56
N ASP A 210 14.12 2.67 -5.97
CA ASP A 210 15.47 3.19 -5.82
C ASP A 210 16.46 2.45 -6.72
N ARG A 211 15.96 1.65 -7.66
CA ARG A 211 16.74 0.83 -8.59
C ARG A 211 17.46 -0.31 -7.88
N GLY A 212 17.06 -0.60 -6.64
CA GLY A 212 17.68 -1.65 -5.85
C GLY A 212 17.02 -3.02 -5.95
N THR A 213 16.42 -3.49 -4.86
CA THR A 213 15.86 -4.83 -4.80
C THR A 213 14.35 -4.80 -4.90
N PRO A 214 13.75 -5.33 -5.96
CA PRO A 214 12.28 -5.39 -6.03
C PRO A 214 11.67 -6.04 -4.80
N GLY A 215 10.66 -5.38 -4.26
CA GLY A 215 9.98 -5.81 -3.07
C GLY A 215 10.34 -4.99 -1.85
N TYR A 216 11.40 -4.19 -1.94
CA TYR A 216 11.99 -3.52 -0.79
C TYR A 216 12.24 -2.06 -1.13
N GLY A 217 11.15 -1.34 -1.38
CA GLY A 217 11.20 0.06 -1.72
C GLY A 217 9.84 0.70 -1.58
N THR A 218 9.44 1.54 -2.54
CA THR A 218 8.13 2.19 -2.46
C THR A 218 7.18 1.80 -3.58
N CYS A 219 7.60 0.97 -4.54
CA CYS A 219 6.70 0.61 -5.63
C CYS A 219 5.47 -0.15 -5.12
N GLY A 220 4.30 0.16 -5.69
CA GLY A 220 3.08 -0.52 -5.30
C GLY A 220 2.89 -1.83 -6.04
N TRP A 221 3.60 -2.88 -5.60
CA TRP A 221 3.68 -4.12 -6.38
C TRP A 221 2.34 -4.81 -6.52
N ASP A 222 1.53 -4.83 -5.46
CA ASP A 222 0.24 -5.50 -5.57
C ASP A 222 -0.65 -4.82 -6.61
N GLU A 223 -0.66 -3.48 -6.62
CA GLU A 223 -1.43 -2.79 -7.65
C GLU A 223 -0.85 -3.05 -9.04
N ILE A 224 0.47 -3.06 -9.17
CA ILE A 224 1.10 -3.34 -10.46
C ILE A 224 0.68 -4.71 -10.99
N PHE A 225 0.87 -5.75 -10.17
CA PHE A 225 0.62 -7.11 -10.67
C PHE A 225 -0.87 -7.38 -10.84
N SER A 226 -1.72 -6.89 -9.93
CA SER A 226 -3.16 -7.07 -10.13
C SER A 226 -3.62 -6.40 -11.42
N THR A 227 -3.10 -5.22 -11.73
CA THR A 227 -3.54 -4.50 -12.92
C THR A 227 -3.02 -5.18 -14.19
N LEU A 228 -1.77 -5.66 -14.16
CA LEU A 228 -1.25 -6.44 -15.28
C LEU A 228 -2.12 -7.66 -15.55
N ALA A 229 -2.48 -8.40 -14.49
CA ALA A 229 -3.33 -9.57 -14.67
C ALA A 229 -4.69 -9.16 -15.23
N ALA A 230 -5.24 -8.05 -14.75
CA ALA A 230 -6.59 -7.67 -15.15
C ALA A 230 -6.65 -7.26 -16.62
N ILE A 231 -5.58 -6.67 -17.16
CA ILE A 231 -5.56 -6.37 -18.59
C ILE A 231 -5.09 -7.55 -19.42
N GLY A 232 -4.85 -8.70 -18.80
CA GLY A 232 -4.46 -9.89 -19.53
C GLY A 232 -3.06 -9.80 -20.09
N PHE A 233 -2.15 -9.19 -19.35
CA PHE A 233 -0.80 -8.98 -19.88
C PHE A 233 -0.08 -10.30 -20.08
N LYS A 234 0.45 -10.52 -21.29
CA LYS A 234 1.22 -11.71 -21.61
C LYS A 234 2.55 -11.36 -22.26
N GLY A 235 3.05 -10.16 -22.00
CA GLY A 235 4.30 -9.70 -22.56
C GLY A 235 5.46 -9.99 -21.64
N GLY A 236 6.56 -9.28 -21.87
CA GLY A 236 7.79 -9.54 -21.11
C GLY A 236 7.77 -8.90 -19.73
N LEU A 237 8.04 -9.72 -18.70
CA LEU A 237 8.25 -9.25 -17.32
C LEU A 237 9.76 -9.23 -17.09
N ALA A 238 10.36 -8.06 -17.19
CA ALA A 238 11.81 -7.96 -17.24
C ALA A 238 12.32 -7.28 -15.97
N MET A 239 13.05 -8.02 -15.14
CA MET A 239 13.64 -7.44 -13.96
C MET A 239 14.78 -6.49 -14.32
N GLU A 240 14.81 -5.31 -13.69
CA GLU A 240 15.88 -4.34 -13.92
C GLU A 240 16.33 -3.79 -12.58
N SER A 241 17.64 -3.86 -12.33
CA SER A 241 18.27 -3.28 -11.17
C SER A 241 19.59 -2.65 -11.62
N PHE A 242 20.00 -1.59 -10.94
CA PHE A 242 21.25 -0.94 -11.31
C PHE A 242 22.45 -1.48 -10.51
N ILE A 243 22.27 -2.56 -9.75
CA ILE A 243 23.38 -3.14 -9.00
C ILE A 243 24.49 -3.55 -9.96
N ASN A 244 25.72 -3.22 -9.58
CA ASN A 244 26.94 -3.58 -10.30
C ASN A 244 27.02 -3.01 -11.71
N MET A 245 26.28 -1.96 -12.01
CA MET A 245 26.50 -1.27 -13.28
C MET A 245 27.92 -0.70 -13.29
N PRO A 246 28.60 -0.70 -14.43
CA PRO A 246 29.89 -0.01 -14.54
C PRO A 246 29.74 1.44 -14.14
N PRO A 247 30.74 2.02 -13.46
CA PRO A 247 30.54 3.36 -12.86
C PRO A 247 30.13 4.44 -13.84
N GLU A 248 30.73 4.49 -15.02
CA GLU A 248 30.39 5.57 -15.95
C GLU A 248 28.93 5.47 -16.41
N VAL A 249 28.44 4.26 -16.63
CA VAL A 249 27.02 4.10 -16.94
C VAL A 249 26.17 4.50 -15.75
N ALA A 250 26.56 4.06 -14.54
CA ALA A 250 25.78 4.37 -13.35
C ALA A 250 25.70 5.87 -13.12
N TYR A 251 26.82 6.58 -13.29
CA TYR A 251 26.82 8.01 -13.05
C TYR A 251 25.90 8.72 -14.05
N GLY A 252 25.88 8.26 -15.30
CA GLY A 252 24.97 8.82 -16.29
C GLY A 252 23.51 8.64 -15.95
N LEU A 253 23.18 7.69 -15.08
CA LEU A 253 21.82 7.41 -14.65
C LEU A 253 21.55 7.97 -13.24
N ALA A 254 22.42 8.85 -12.75
CA ALA A 254 22.24 9.54 -11.46
C ALA A 254 22.33 8.58 -10.28
N VAL A 255 23.18 7.58 -10.39
CA VAL A 255 23.46 6.67 -9.28
C VAL A 255 24.68 7.25 -8.54
N TRP A 256 24.42 7.92 -7.42
CA TRP A 256 25.46 8.59 -6.65
C TRP A 256 25.92 7.80 -5.45
N ARG A 257 25.29 6.66 -5.19
CA ARG A 257 25.52 5.82 -4.03
C ARG A 257 24.97 4.45 -4.34
N PRO A 258 25.39 3.40 -3.63
CA PRO A 258 24.98 2.05 -4.01
C PRO A 258 23.47 1.88 -3.91
N VAL A 259 22.89 1.18 -4.88
CA VAL A 259 21.45 0.94 -4.88
C VAL A 259 21.06 -0.23 -3.98
N ALA A 260 22.03 -1.07 -3.59
CA ALA A 260 21.77 -2.27 -2.80
C ALA A 260 23.13 -2.82 -2.39
N LYS A 261 23.10 -3.88 -1.57
CA LYS A 261 24.34 -4.41 -1.02
C LYS A 261 25.17 -5.13 -2.09
N ASP A 262 24.56 -6.06 -2.82
CA ASP A 262 25.30 -6.85 -3.80
C ASP A 262 24.30 -7.66 -4.63
N GLU A 263 24.82 -8.43 -5.58
CA GLU A 263 23.97 -9.23 -6.45
C GLU A 263 23.13 -10.22 -5.65
N GLU A 264 23.73 -10.84 -4.63
CA GLU A 264 22.99 -11.85 -3.89
C GLU A 264 21.77 -11.24 -3.21
N GLU A 265 21.88 -10.00 -2.73
CA GLU A 265 20.70 -9.33 -2.17
C GLU A 265 19.66 -9.06 -3.26
N VAL A 266 20.10 -8.48 -4.38
CA VAL A 266 19.15 -8.05 -5.41
C VAL A 266 18.50 -9.26 -6.08
N MET A 267 19.31 -10.21 -6.55
CA MET A 267 18.76 -11.36 -7.25
C MET A 267 18.18 -12.39 -6.30
N GLY A 268 18.84 -12.61 -5.16
CA GLY A 268 18.38 -13.62 -4.23
C GLY A 268 17.09 -13.27 -3.53
N ASN A 269 16.80 -11.97 -3.39
CA ASN A 269 15.55 -11.52 -2.79
C ASN A 269 14.57 -10.97 -3.82
N GLY A 270 15.06 -10.22 -4.80
CA GLY A 270 14.19 -9.53 -5.73
C GLY A 270 13.53 -10.41 -6.76
N LEU A 271 14.29 -11.32 -7.39
CA LEU A 271 13.67 -12.19 -8.39
C LEU A 271 12.65 -13.13 -7.77
N PRO A 272 12.91 -13.80 -6.63
CA PRO A 272 11.83 -14.60 -6.03
C PRO A 272 10.61 -13.78 -5.67
N PHE A 273 10.81 -12.57 -5.17
CA PHE A 273 9.65 -11.71 -4.88
C PHE A 273 8.80 -11.50 -6.13
N LEU A 274 9.43 -11.10 -7.24
CA LEU A 274 8.69 -10.84 -8.47
C LEU A 274 8.05 -12.11 -9.01
N ARG A 275 8.77 -13.23 -9.00
CA ARG A 275 8.17 -14.47 -9.48
C ARG A 275 6.98 -14.85 -8.61
N ASN A 276 7.12 -14.70 -7.30
CA ASN A 276 6.03 -15.05 -6.39
C ASN A 276 4.81 -14.19 -6.65
N LYS A 277 5.02 -12.89 -6.89
CA LYS A 277 3.89 -12.00 -7.16
C LYS A 277 3.22 -12.35 -8.48
N ALA A 278 4.00 -12.66 -9.51
CA ALA A 278 3.43 -13.07 -10.78
C ALA A 278 2.59 -14.33 -10.62
N LYS A 279 3.04 -15.27 -9.79
CA LYS A 279 2.23 -16.45 -9.54
C LYS A 279 0.97 -16.09 -8.75
N GLN A 280 1.13 -15.23 -7.75
CA GLN A 280 0.02 -14.87 -6.88
C GLN A 280 -1.14 -14.32 -7.68
N TYR A 281 -0.84 -13.45 -8.67
CA TYR A 281 -1.87 -12.79 -9.43
C TYR A 281 -2.15 -13.48 -10.77
N GLY A 282 -1.57 -14.65 -11.01
CA GLY A 282 -1.95 -15.43 -12.18
C GLY A 282 -1.33 -15.00 -13.49
N LEU A 283 -0.23 -14.23 -13.45
CA LEU A 283 0.51 -13.92 -14.66
C LEU A 283 1.37 -15.11 -15.08
N ILE A 284 1.78 -15.91 -14.09
CA ILE A 284 2.84 -16.92 -14.10
C ILE A 284 3.59 -17.04 -15.41
N MET B 3 -27.34 -1.96 -12.68
CA MET B 3 -26.99 -0.86 -11.78
C MET B 3 -25.63 -0.27 -12.15
N GLN B 4 -25.56 1.06 -12.23
CA GLN B 4 -24.34 1.76 -12.61
C GLN B 4 -24.14 2.96 -11.70
N GLY B 5 -22.92 3.48 -11.69
CA GLY B 5 -22.62 4.65 -10.90
C GLY B 5 -22.46 4.36 -9.41
N PHE B 6 -22.66 5.41 -8.63
CA PHE B 6 -22.44 5.38 -7.19
C PHE B 6 -23.76 5.26 -6.44
N GLY B 7 -23.76 4.42 -5.40
CA GLY B 7 -24.90 4.29 -4.53
C GLY B 7 -24.48 4.14 -3.08
N VAL B 8 -25.48 4.02 -2.22
CA VAL B 8 -25.25 3.81 -0.80
C VAL B 8 -26.18 2.71 -0.31
N HIS B 9 -25.65 1.82 0.51
CA HIS B 9 -26.49 0.99 1.34
C HIS B 9 -27.16 1.87 2.40
N THR B 10 -28.49 1.79 2.51
CA THR B 10 -29.20 2.74 3.35
C THR B 10 -29.13 2.43 4.85
N SER B 11 -28.35 1.42 5.26
CA SER B 11 -28.25 1.07 6.68
C SER B 11 -27.88 2.25 7.56
N MET B 12 -27.17 3.24 7.01
CA MET B 12 -26.75 4.38 7.81
C MET B 12 -27.91 5.25 8.24
N TRP B 13 -29.08 5.08 7.63
CA TRP B 13 -30.26 5.88 7.97
C TRP B 13 -31.45 4.99 8.28
N THR B 14 -31.51 3.83 7.64
CA THR B 14 -32.71 3.00 7.73
C THR B 14 -32.34 1.53 7.56
N MET B 15 -32.53 0.74 8.61
CA MET B 15 -32.54 -0.72 8.48
C MET B 15 -33.96 -1.27 8.42
N ASN B 16 -34.91 -0.54 9.03
CA ASN B 16 -36.32 -0.90 9.08
C ASN B 16 -37.03 -0.08 8.01
N TRP B 17 -37.33 -0.71 6.86
CA TRP B 17 -37.84 0.02 5.71
C TRP B 17 -39.35 0.21 5.83
N ASP B 18 -39.73 1.03 6.80
CA ASP B 18 -41.12 1.46 6.91
C ASP B 18 -41.28 2.80 6.20
N ARG B 19 -42.47 3.39 6.28
CA ARG B 19 -42.72 4.62 5.53
C ARG B 19 -41.79 5.75 5.94
N PRO B 20 -41.67 6.12 7.22
CA PRO B 20 -40.72 7.19 7.56
C PRO B 20 -39.28 6.81 7.25
N GLY B 21 -38.93 5.53 7.37
CA GLY B 21 -37.56 5.12 7.08
C GLY B 21 -37.23 5.25 5.61
N ALA B 22 -38.17 4.85 4.74
CA ALA B 22 -37.99 5.03 3.29
C ALA B 22 -37.80 6.49 2.96
N GLU B 23 -38.63 7.36 3.53
CA GLU B 23 -38.49 8.79 3.30
C GLU B 23 -37.13 9.29 3.77
N ARG B 24 -36.68 8.81 4.93
CA ARG B 24 -35.40 9.23 5.49
C ARG B 24 -34.25 8.84 4.56
N ALA B 25 -34.28 7.62 4.04
CA ALA B 25 -33.17 7.13 3.23
C ALA B 25 -33.12 7.84 1.89
N VAL B 26 -34.28 8.03 1.26
CA VAL B 26 -34.31 8.72 -0.02
C VAL B 26 -33.83 10.16 0.15
N ALA B 27 -34.20 10.79 1.27
CA ALA B 27 -33.72 12.15 1.54
C ALA B 27 -32.20 12.17 1.65
N ALA B 28 -31.61 11.20 2.35
CA ALA B 28 -30.16 11.12 2.43
C ALA B 28 -29.55 10.89 1.04
N ALA B 29 -30.18 10.01 0.24
CA ALA B 29 -29.66 9.72 -1.09
C ALA B 29 -29.60 10.98 -1.96
N LEU B 30 -30.61 11.84 -1.86
CA LEU B 30 -30.59 13.08 -2.62
C LEU B 30 -29.53 14.04 -2.07
N LYS B 31 -29.40 14.09 -0.75
CA LYS B 31 -28.41 14.96 -0.13
C LYS B 31 -27.00 14.64 -0.63
N TYR B 32 -26.69 13.36 -0.75
CA TYR B 32 -25.36 12.93 -1.18
C TYR B 32 -25.26 12.70 -2.69
N GLU B 33 -26.34 12.98 -3.43
CA GLU B 33 -26.32 13.00 -4.89
C GLU B 33 -25.88 11.67 -5.49
N VAL B 34 -26.36 10.56 -4.92
CA VAL B 34 -26.04 9.23 -5.42
C VAL B 34 -27.01 8.85 -6.55
N ASP B 35 -26.60 7.85 -7.32
CA ASP B 35 -27.42 7.34 -8.43
C ASP B 35 -28.43 6.30 -7.99
N PHE B 36 -28.15 5.55 -6.94
CA PHE B 36 -29.04 4.47 -6.53
C PHE B 36 -28.88 4.24 -5.04
N ILE B 37 -29.84 3.48 -4.48
CA ILE B 37 -29.78 3.02 -3.10
C ILE B 37 -29.91 1.51 -3.08
N GLU B 38 -29.33 0.89 -2.07
CA GLU B 38 -29.57 -0.51 -1.74
C GLU B 38 -30.45 -0.56 -0.51
N ILE B 39 -31.60 -1.22 -0.62
CA ILE B 39 -32.62 -1.27 0.42
C ILE B 39 -32.48 -2.60 1.17
N PRO B 40 -32.12 -2.60 2.44
CA PRO B 40 -32.14 -3.86 3.19
C PRO B 40 -33.57 -4.28 3.50
N MET B 41 -33.84 -5.57 3.39
CA MET B 41 -35.18 -6.11 3.60
C MET B 41 -35.12 -7.08 4.77
N LEU B 42 -35.17 -6.54 5.99
CA LEU B 42 -35.21 -7.38 7.18
C LEU B 42 -36.52 -8.14 7.29
N ASN B 43 -37.60 -7.58 6.76
CA ASN B 43 -38.94 -8.16 6.89
C ASN B 43 -39.69 -7.86 5.61
N PRO B 44 -39.42 -8.62 4.55
CA PRO B 44 -39.96 -8.29 3.21
C PRO B 44 -41.47 -8.08 3.21
N PRO B 45 -42.26 -8.92 3.88
CA PRO B 45 -43.72 -8.72 3.81
C PRO B 45 -44.20 -7.34 4.28
N ALA B 46 -43.45 -6.67 5.14
CA ALA B 46 -43.90 -5.38 5.69
C ALA B 46 -43.63 -4.19 4.76
N VAL B 47 -43.00 -4.40 3.61
CA VAL B 47 -42.59 -3.30 2.76
C VAL B 47 -43.78 -2.78 1.95
N ASP B 48 -43.99 -1.47 1.98
CA ASP B 48 -45.01 -0.81 1.16
C ASP B 48 -44.42 -0.55 -0.21
N THR B 49 -44.69 -1.43 -1.17
CA THR B 49 -44.06 -1.37 -2.48
C THR B 49 -44.50 -0.13 -3.25
N GLU B 50 -45.76 0.27 -3.13
CA GLU B 50 -46.24 1.39 -3.92
C GLU B 50 -45.64 2.71 -3.45
N HIS B 51 -45.51 2.89 -2.13
CA HIS B 51 -44.92 4.11 -1.60
C HIS B 51 -43.46 4.23 -2.02
N THR B 52 -42.71 3.13 -1.89
CA THR B 52 -41.30 3.15 -2.28
C THR B 52 -41.14 3.38 -3.78
N ARG B 53 -41.95 2.68 -4.59
CA ARG B 53 -41.88 2.88 -6.04
C ARG B 53 -42.13 4.33 -6.43
N ALA B 54 -43.12 4.98 -5.80
CA ALA B 54 -43.40 6.36 -6.13
C ALA B 54 -42.27 7.28 -5.69
N LEU B 55 -41.64 6.99 -4.55
CA LEU B 55 -40.50 7.79 -4.10
C LEU B 55 -39.35 7.69 -5.09
N LEU B 56 -39.06 6.48 -5.56
CA LEU B 56 -37.94 6.28 -6.46
C LEU B 56 -38.17 6.94 -7.80
N GLU B 57 -39.39 6.81 -8.35
CA GLU B 57 -39.68 7.40 -9.65
C GLU B 57 -39.68 8.92 -9.58
N LYS B 58 -40.28 9.49 -8.53
CA LYS B 58 -40.35 10.95 -8.42
C LYS B 58 -38.97 11.55 -8.25
N ASN B 59 -38.07 10.85 -7.57
CA ASN B 59 -36.74 11.36 -7.26
C ASN B 59 -35.65 10.83 -8.19
N GLU B 60 -36.04 10.17 -9.28
CA GLU B 60 -35.11 9.72 -10.32
C GLU B 60 -34.01 8.82 -9.74
N LEU B 61 -34.39 7.96 -8.80
CA LEU B 61 -33.47 7.09 -8.09
C LEU B 61 -33.69 5.65 -8.50
N ARG B 62 -32.61 4.94 -8.76
CA ARG B 62 -32.69 3.51 -8.97
C ARG B 62 -32.43 2.77 -7.66
N ALA B 63 -32.80 1.49 -7.64
CA ALA B 63 -32.65 0.74 -6.40
C ALA B 63 -32.47 -0.74 -6.68
N LEU B 64 -31.81 -1.39 -5.72
CA LEU B 64 -31.79 -2.84 -5.57
C LEU B 64 -32.02 -3.13 -4.10
N CYS B 65 -32.34 -4.39 -3.79
CA CYS B 65 -32.58 -4.81 -2.42
C CYS B 65 -31.60 -5.88 -2.00
N SER B 66 -31.44 -6.06 -0.70
CA SER B 66 -30.57 -7.11 -0.20
C SER B 66 -31.10 -7.67 1.11
N LEU B 67 -30.69 -8.90 1.38
CA LEU B 67 -31.04 -9.55 2.63
C LEU B 67 -30.03 -10.65 2.91
N GLY B 68 -30.06 -11.14 4.14
CA GLY B 68 -29.50 -12.44 4.48
C GLY B 68 -30.61 -13.31 5.05
N LEU B 69 -30.49 -14.61 4.83
CA LEU B 69 -31.60 -15.50 5.20
C LEU B 69 -31.66 -15.69 6.71
N PRO B 70 -32.86 -15.65 7.31
CA PRO B 70 -32.98 -16.00 8.73
C PRO B 70 -32.72 -17.48 8.93
N GLU B 71 -32.41 -17.85 10.18
CA GLU B 71 -32.03 -19.23 10.46
C GLU B 71 -33.12 -20.22 10.08
N ARG B 72 -34.39 -19.85 10.25
CA ARG B 72 -35.49 -20.73 9.87
C ARG B 72 -35.49 -21.04 8.37
N ALA B 73 -34.69 -20.32 7.57
CA ALA B 73 -34.71 -20.51 6.13
C ALA B 73 -33.29 -20.62 5.55
N TRP B 74 -32.31 -21.06 6.33
CA TRP B 74 -30.95 -21.20 5.81
C TRP B 74 -30.93 -22.23 4.69
N ALA B 75 -30.51 -21.79 3.50
CA ALA B 75 -30.61 -22.62 2.31
C ALA B 75 -29.84 -23.94 2.44
N SER B 76 -28.72 -23.94 3.16
CA SER B 76 -27.91 -25.16 3.24
C SER B 76 -28.61 -26.31 3.94
N VAL B 77 -29.60 -26.02 4.79
CA VAL B 77 -30.18 -27.05 5.64
C VAL B 77 -31.69 -27.08 5.51
N ARG B 78 -32.29 -25.94 5.15
CA ARG B 78 -33.74 -25.82 5.01
C ARG B 78 -34.06 -25.18 3.67
N PRO B 79 -33.82 -25.91 2.57
CA PRO B 79 -33.93 -25.28 1.25
C PRO B 79 -35.34 -24.88 0.86
N ASP B 80 -36.35 -25.65 1.23
CA ASP B 80 -37.69 -25.29 0.82
C ASP B 80 -38.16 -24.03 1.53
N ALA B 81 -37.82 -23.88 2.81
CA ALA B 81 -38.10 -22.63 3.51
C ALA B 81 -37.31 -21.47 2.90
N ALA B 82 -36.10 -21.74 2.43
CA ALA B 82 -35.32 -20.68 1.78
C ALA B 82 -35.99 -20.21 0.49
N ILE B 83 -36.52 -21.14 -0.30
CA ILE B 83 -37.18 -20.74 -1.54
C ILE B 83 -38.43 -19.91 -1.25
N GLU B 84 -39.24 -20.34 -0.27
CA GLU B 84 -40.43 -19.56 0.08
C GLU B 84 -40.04 -18.16 0.51
N HIS B 85 -38.99 -18.03 1.33
CA HIS B 85 -38.54 -16.72 1.78
C HIS B 85 -38.05 -15.86 0.62
N LEU B 86 -37.26 -16.46 -0.27
CA LEU B 86 -36.70 -15.68 -1.36
C LEU B 86 -37.77 -15.24 -2.37
N LYS B 87 -38.80 -16.07 -2.58
CA LYS B 87 -39.85 -15.68 -3.53
C LYS B 87 -40.57 -14.43 -3.05
N VAL B 88 -40.89 -14.36 -1.75
CA VAL B 88 -41.54 -13.19 -1.20
C VAL B 88 -40.65 -11.96 -1.39
N ALA B 89 -39.35 -12.11 -1.13
CA ALA B 89 -38.44 -10.98 -1.23
C ALA B 89 -38.27 -10.51 -2.66
N ILE B 90 -38.20 -11.46 -3.61
CA ILE B 90 -38.07 -11.14 -5.02
C ILE B 90 -39.28 -10.35 -5.51
N ASP B 91 -40.49 -10.80 -5.14
CA ASP B 91 -41.70 -10.10 -5.57
C ASP B 91 -41.73 -8.69 -5.00
N LYS B 92 -41.42 -8.54 -3.71
CA LYS B 92 -41.40 -7.20 -3.12
C LYS B 92 -40.38 -6.31 -3.81
N THR B 93 -39.20 -6.86 -4.12
CA THR B 93 -38.16 -6.10 -4.80
C THR B 93 -38.66 -5.60 -6.16
N ALA B 94 -39.22 -6.52 -6.95
CA ALA B 94 -39.70 -6.15 -8.27
C ALA B 94 -40.83 -5.14 -8.19
N ASP B 95 -41.74 -5.30 -7.22
CA ASP B 95 -42.91 -4.45 -7.16
C ASP B 95 -42.57 -3.03 -6.72
N LEU B 96 -41.52 -2.86 -5.91
CA LEU B 96 -41.11 -1.51 -5.54
C LEU B 96 -40.23 -0.85 -6.59
N GLY B 97 -39.88 -1.56 -7.66
CA GLY B 97 -39.05 -1.01 -8.72
C GLY B 97 -37.58 -1.36 -8.62
N GLY B 98 -37.20 -2.21 -7.67
CA GLY B 98 -35.81 -2.64 -7.59
C GLY B 98 -35.43 -3.54 -8.74
N GLU B 99 -34.13 -3.54 -9.04
CA GLU B 99 -33.65 -4.23 -10.23
C GLU B 99 -32.93 -5.53 -9.91
N ALA B 100 -32.69 -5.81 -8.63
CA ALA B 100 -32.00 -7.02 -8.23
C ALA B 100 -32.17 -7.23 -6.74
N LEU B 101 -32.06 -8.48 -6.32
CA LEU B 101 -31.99 -8.86 -4.91
C LEU B 101 -30.63 -9.49 -4.68
N SER B 102 -29.83 -8.87 -3.82
CA SER B 102 -28.49 -9.40 -3.62
C SER B 102 -28.23 -9.65 -2.14
N GLY B 103 -26.98 -9.90 -1.78
CA GLY B 103 -26.61 -10.17 -0.41
C GLY B 103 -26.35 -11.63 -0.12
N VAL B 104 -26.57 -12.02 1.13
CA VAL B 104 -26.38 -13.39 1.55
C VAL B 104 -27.70 -14.11 1.31
N ILE B 105 -28.05 -14.27 0.03
CA ILE B 105 -29.30 -14.94 -0.35
C ILE B 105 -29.17 -16.45 -0.38
N TYR B 106 -27.96 -16.96 -0.16
CA TYR B 106 -27.66 -18.39 -0.21
C TYR B 106 -27.50 -19.00 1.18
N GLY B 107 -27.66 -18.20 2.21
CA GLY B 107 -27.42 -18.68 3.55
C GLY B 107 -27.65 -17.56 4.53
N GLY B 108 -27.10 -17.70 5.73
CA GLY B 108 -27.32 -16.70 6.76
C GLY B 108 -26.03 -16.31 7.45
N ILE B 109 -26.04 -15.09 7.98
CA ILE B 109 -25.00 -14.67 8.91
C ILE B 109 -25.15 -15.51 10.17
N GLY B 110 -24.09 -16.21 10.54
CA GLY B 110 -24.12 -17.08 11.70
C GLY B 110 -24.05 -18.56 11.38
N GLU B 111 -23.95 -18.93 10.10
CA GLU B 111 -23.75 -20.33 9.75
C GLU B 111 -22.30 -20.73 10.00
N ARG B 112 -22.11 -21.88 10.64
CA ARG B 112 -20.79 -22.43 10.93
C ARG B 112 -20.94 -23.86 11.41
N THR B 113 -20.36 -24.81 10.68
CA THR B 113 -20.37 -26.21 11.10
C THR B 113 -19.09 -26.61 11.83
N GLY B 114 -18.02 -25.82 11.71
CA GLY B 114 -16.73 -26.16 12.25
C GLY B 114 -15.85 -26.97 11.33
N VAL B 115 -16.36 -27.33 10.15
CA VAL B 115 -15.63 -28.13 9.16
C VAL B 115 -15.83 -27.49 7.79
N PRO B 116 -15.10 -27.92 6.75
CA PRO B 116 -15.27 -27.29 5.44
C PRO B 116 -16.66 -27.47 4.91
N PRO B 117 -17.12 -26.57 4.03
CA PRO B 117 -18.42 -26.75 3.39
C PRO B 117 -18.44 -28.03 2.56
N THR B 118 -19.61 -28.69 2.53
CA THR B 118 -19.77 -29.99 1.90
C THR B 118 -20.58 -29.88 0.61
N GLU B 119 -20.46 -30.92 -0.22
CA GLU B 119 -21.26 -30.99 -1.44
C GLU B 119 -22.75 -31.02 -1.14
N ALA B 120 -23.15 -31.70 -0.07
CA ALA B 120 -24.56 -31.73 0.30
C ALA B 120 -25.09 -30.32 0.55
N GLU B 121 -24.33 -29.52 1.29
CA GLU B 121 -24.73 -28.13 1.53
C GLU B 121 -24.80 -27.34 0.23
N TYR B 122 -23.77 -27.47 -0.61
CA TYR B 122 -23.75 -26.74 -1.87
C TYR B 122 -24.88 -27.19 -2.79
N ASP B 123 -25.25 -28.48 -2.74
CA ASP B 123 -26.36 -28.95 -3.56
C ASP B 123 -27.67 -28.31 -3.12
N ASN B 124 -27.89 -28.20 -1.81
CA ASN B 124 -29.09 -27.53 -1.31
C ASN B 124 -29.10 -26.07 -1.71
N ILE B 125 -27.97 -25.38 -1.56
CA ILE B 125 -27.89 -23.97 -1.96
C ILE B 125 -28.21 -23.82 -3.45
N ALA B 126 -27.64 -24.69 -4.28
CA ALA B 126 -27.85 -24.60 -5.72
C ALA B 126 -29.31 -24.83 -6.09
N ARG B 127 -29.96 -25.81 -5.44
CA ARG B 127 -31.39 -26.00 -5.67
C ARG B 127 -32.19 -24.76 -5.26
N VAL B 128 -31.82 -24.14 -4.14
CA VAL B 128 -32.49 -22.91 -3.73
C VAL B 128 -32.28 -21.82 -4.77
N LEU B 129 -31.02 -21.61 -5.17
CA LEU B 129 -30.71 -20.51 -6.07
C LEU B 129 -31.35 -20.70 -7.44
N SER B 130 -31.40 -21.94 -7.92
CA SER B 130 -32.01 -22.21 -9.22
C SER B 130 -33.49 -21.84 -9.21
N ALA B 131 -34.21 -22.26 -8.16
CA ALA B 131 -35.62 -21.90 -8.05
C ALA B 131 -35.81 -20.41 -7.89
N ALA B 132 -35.01 -19.78 -7.02
CA ALA B 132 -35.11 -18.33 -6.83
C ALA B 132 -34.78 -17.58 -8.11
N ALA B 133 -33.80 -18.08 -8.88
CA ALA B 133 -33.42 -17.38 -10.10
C ALA B 133 -34.54 -17.41 -11.13
N LYS B 134 -35.25 -18.54 -11.23
CA LYS B 134 -36.38 -18.61 -12.13
C LYS B 134 -37.49 -17.65 -11.71
N HIS B 135 -37.75 -17.55 -10.40
CA HIS B 135 -38.73 -16.58 -9.92
C HIS B 135 -38.29 -15.16 -10.22
N ALA B 136 -37.00 -14.86 -9.99
CA ALA B 136 -36.48 -13.54 -10.32
C ALA B 136 -36.63 -13.23 -11.80
N LYS B 137 -36.34 -14.20 -12.67
CA LYS B 137 -36.49 -13.97 -14.11
C LYS B 137 -37.94 -13.68 -14.47
N SER B 138 -38.89 -14.37 -13.82
CA SER B 138 -40.30 -14.13 -14.10
C SER B 138 -40.74 -12.73 -13.70
N ARG B 139 -40.05 -12.10 -12.75
CA ARG B 139 -40.34 -10.73 -12.37
C ARG B 139 -39.39 -9.72 -12.99
N GLY B 140 -38.43 -10.16 -13.81
CA GLY B 140 -37.57 -9.24 -14.52
C GLY B 140 -36.42 -8.66 -13.72
N ILE B 141 -35.97 -9.35 -12.67
CA ILE B 141 -34.86 -8.86 -11.85
C ILE B 141 -33.79 -9.93 -11.78
N GLU B 142 -32.60 -9.52 -11.35
CA GLU B 142 -31.47 -10.43 -11.20
C GLU B 142 -31.21 -10.68 -9.73
N LEU B 143 -30.41 -11.72 -9.46
CA LEU B 143 -29.97 -12.09 -8.12
C LEU B 143 -28.47 -11.87 -7.98
N GLY B 144 -28.06 -11.41 -6.82
CA GLY B 144 -26.64 -11.24 -6.51
C GLY B 144 -26.24 -12.12 -5.34
N VAL B 145 -25.06 -12.72 -5.46
CA VAL B 145 -24.49 -13.57 -4.41
C VAL B 145 -23.30 -12.82 -3.81
N GLU B 146 -23.41 -12.42 -2.54
CA GLU B 146 -22.37 -11.64 -1.87
C GLU B 146 -21.46 -12.59 -1.10
N ALA B 147 -20.18 -12.62 -1.47
CA ALA B 147 -19.20 -13.37 -0.70
C ALA B 147 -18.90 -12.64 0.60
N VAL B 148 -18.97 -13.35 1.72
CA VAL B 148 -18.72 -12.75 3.04
C VAL B 148 -17.64 -13.54 3.73
N ASN B 149 -17.06 -12.98 4.79
CA ASN B 149 -15.89 -13.61 5.38
C ASN B 149 -16.24 -14.88 6.16
N ARG B 150 -15.18 -15.65 6.41
CA ARG B 150 -15.24 -16.97 7.04
C ARG B 150 -16.04 -17.00 8.34
N TYR B 151 -16.07 -15.89 9.07
CA TYR B 151 -16.74 -15.91 10.37
C TYR B 151 -18.25 -15.72 10.24
N GLU B 152 -18.71 -15.11 9.16
CA GLU B 152 -20.13 -14.87 8.97
C GLU B 152 -20.83 -16.08 8.38
N ASN B 153 -20.12 -16.85 7.57
CA ASN B 153 -20.70 -17.95 6.82
C ASN B 153 -19.54 -18.78 6.29
N HIS B 154 -19.67 -20.10 6.32
CA HIS B 154 -18.56 -20.96 5.94
C HIS B 154 -18.63 -21.42 4.48
N LEU B 155 -19.61 -20.93 3.71
CA LEU B 155 -19.93 -21.52 2.42
C LEU B 155 -19.37 -20.73 1.23
N ILE B 156 -19.54 -19.41 1.19
CA ILE B 156 -19.08 -18.61 0.05
C ILE B 156 -18.31 -17.42 0.62
N ASN B 157 -16.97 -17.50 0.58
CA ASN B 157 -16.12 -16.49 1.18
C ASN B 157 -15.29 -15.70 0.18
N THR B 158 -15.00 -16.25 -0.99
CA THR B 158 -14.11 -15.63 -1.97
C THR B 158 -14.85 -15.41 -3.28
N GLY B 159 -14.28 -14.53 -4.10
CA GLY B 159 -14.78 -14.40 -5.46
C GLY B 159 -14.78 -15.73 -6.20
N TRP B 160 -13.71 -16.53 -6.04
CA TRP B 160 -13.67 -17.77 -6.81
C TRP B 160 -14.73 -18.75 -6.31
N GLN B 161 -15.05 -18.75 -5.01
CA GLN B 161 -16.14 -19.61 -4.54
C GLN B 161 -17.49 -19.15 -5.07
N ALA B 162 -17.70 -17.83 -5.13
CA ALA B 162 -18.95 -17.31 -5.66
C ALA B 162 -19.14 -17.70 -7.11
N VAL B 163 -18.08 -17.59 -7.92
CA VAL B 163 -18.17 -17.97 -9.32
C VAL B 163 -18.47 -19.46 -9.45
N GLN B 164 -17.85 -20.29 -8.61
CA GLN B 164 -18.14 -21.71 -8.66
C GLN B 164 -19.61 -21.99 -8.38
N MET B 165 -20.21 -21.24 -7.45
CA MET B 165 -21.64 -21.45 -7.19
C MET B 165 -22.48 -20.99 -8.37
N ILE B 166 -22.10 -19.88 -9.00
CA ILE B 166 -22.83 -19.42 -10.18
C ILE B 166 -22.78 -20.48 -11.28
N GLU B 167 -21.63 -21.15 -11.44
CA GLU B 167 -21.52 -22.20 -12.45
C GLU B 167 -22.30 -23.45 -12.05
N ARG B 168 -22.31 -23.77 -10.75
CA ARG B 168 -23.11 -24.89 -10.27
C ARG B 168 -24.59 -24.68 -10.52
N VAL B 169 -25.08 -23.44 -10.33
CA VAL B 169 -26.50 -23.18 -10.51
C VAL B 169 -26.87 -23.16 -11.99
N GLY B 170 -26.01 -22.59 -12.83
CA GLY B 170 -26.28 -22.57 -14.25
C GLY B 170 -27.34 -21.60 -14.71
N ALA B 171 -27.74 -20.65 -13.87
CA ALA B 171 -28.61 -19.57 -14.31
C ALA B 171 -27.81 -18.51 -15.05
N ASP B 172 -28.51 -17.65 -15.77
CA ASP B 172 -27.86 -16.52 -16.44
C ASP B 172 -28.18 -15.18 -15.80
N ASN B 173 -28.96 -15.15 -14.72
CA ASN B 173 -29.38 -13.89 -14.11
C ASN B 173 -28.92 -13.80 -12.65
N ILE B 174 -27.83 -14.50 -12.31
CA ILE B 174 -27.18 -14.41 -11.01
C ILE B 174 -25.79 -13.81 -11.22
N PHE B 175 -25.47 -12.75 -10.47
CA PHE B 175 -24.16 -12.12 -10.58
C PHE B 175 -23.41 -12.25 -9.26
N VAL B 176 -22.11 -11.89 -9.29
CA VAL B 176 -21.29 -11.86 -8.07
C VAL B 176 -21.30 -10.45 -7.49
N HIS B 177 -21.41 -10.41 -6.17
CA HIS B 177 -21.40 -9.19 -5.36
C HIS B 177 -20.21 -9.32 -4.41
N LEU B 178 -19.21 -8.45 -4.55
CA LEU B 178 -18.06 -8.46 -3.66
C LEU B 178 -18.17 -7.32 -2.66
N ASP B 179 -17.39 -7.42 -1.59
CA ASP B 179 -17.39 -6.42 -0.52
C ASP B 179 -15.95 -6.26 -0.05
N THR B 180 -15.40 -5.04 -0.16
CA THR B 180 -13.99 -4.84 0.16
C THR B 180 -13.66 -5.20 1.60
N TYR B 181 -14.61 -5.03 2.54
CA TYR B 181 -14.35 -5.44 3.92
C TYR B 181 -14.12 -6.94 4.02
N HIS B 182 -14.94 -7.74 3.32
CA HIS B 182 -14.76 -9.19 3.36
C HIS B 182 -13.54 -9.61 2.56
N MET B 183 -13.30 -8.97 1.41
CA MET B 183 -12.14 -9.32 0.60
C MET B 183 -10.84 -9.01 1.34
N ASN B 184 -10.86 -7.98 2.20
CA ASN B 184 -9.69 -7.62 2.98
C ASN B 184 -9.23 -8.77 3.86
N ILE B 185 -10.16 -9.64 4.26
CA ILE B 185 -9.84 -10.85 4.99
C ILE B 185 -9.60 -12.02 4.06
N GLU B 186 -10.47 -12.19 3.06
CA GLU B 186 -10.55 -13.46 2.34
C GLU B 186 -9.62 -13.59 1.14
N GLU B 187 -9.28 -12.50 0.46
CA GLU B 187 -8.61 -12.63 -0.84
C GLU B 187 -7.10 -12.55 -0.70
N LYS B 188 -6.42 -13.38 -1.49
CA LYS B 188 -4.96 -13.48 -1.46
C LYS B 188 -4.37 -12.33 -2.28
N GLY B 189 -4.44 -11.14 -1.70
CA GLY B 189 -4.27 -9.93 -2.49
C GLY B 189 -5.64 -9.48 -2.96
N VAL B 190 -6.05 -8.27 -2.60
CA VAL B 190 -7.45 -7.89 -2.71
C VAL B 190 -7.92 -7.91 -4.17
N GLY B 191 -7.02 -7.54 -5.11
CA GLY B 191 -7.39 -7.58 -6.52
C GLY B 191 -7.77 -8.96 -7.02
N ASN B 192 -7.29 -10.01 -6.37
CA ASN B 192 -7.60 -11.36 -6.84
C ASN B 192 -9.08 -11.70 -6.72
N GLY B 193 -9.80 -11.07 -5.78
CA GLY B 193 -11.23 -11.32 -5.72
C GLY B 193 -11.94 -10.76 -6.94
N ILE B 194 -11.56 -9.55 -7.35
CA ILE B 194 -12.11 -8.94 -8.55
C ILE B 194 -11.69 -9.72 -9.79
N LEU B 195 -10.42 -10.13 -9.86
CA LEU B 195 -9.95 -10.92 -11.00
C LEU B 195 -10.71 -12.23 -11.12
N ASP B 196 -10.87 -12.95 -10.00
CA ASP B 196 -11.56 -14.24 -10.06
C ASP B 196 -13.01 -14.09 -10.45
N ALA B 197 -13.66 -13.00 -10.02
CA ALA B 197 -15.07 -12.80 -10.28
C ALA B 197 -15.37 -11.99 -11.54
N ARG B 198 -14.35 -11.70 -12.37
CA ARG B 198 -14.48 -10.66 -13.38
C ARG B 198 -15.64 -10.92 -14.34
N GLU B 199 -15.88 -12.18 -14.70
CA GLU B 199 -16.92 -12.44 -15.70
C GLU B 199 -18.34 -12.27 -15.15
N HIS B 200 -18.48 -12.17 -13.83
CA HIS B 200 -19.79 -12.14 -13.20
C HIS B 200 -19.98 -10.98 -12.24
N LEU B 201 -18.97 -10.14 -12.05
CA LEU B 201 -19.02 -9.08 -11.06
C LEU B 201 -19.85 -7.92 -11.58
N LYS B 202 -20.96 -7.62 -10.89
CA LYS B 202 -21.81 -6.51 -11.26
C LYS B 202 -22.04 -5.54 -10.12
N TYR B 203 -21.49 -5.80 -8.94
CA TYR B 203 -21.81 -4.99 -7.78
C TYR B 203 -20.71 -5.16 -6.75
N ILE B 204 -20.30 -4.05 -6.12
CA ILE B 204 -19.28 -4.13 -5.08
C ILE B 204 -19.61 -3.17 -3.94
N HIS B 205 -19.54 -3.68 -2.72
CA HIS B 205 -19.62 -2.87 -1.53
C HIS B 205 -18.25 -2.27 -1.26
N LEU B 206 -18.20 -0.93 -1.27
CA LEU B 206 -16.98 -0.20 -0.91
C LEU B 206 -17.08 0.14 0.56
N SER B 207 -16.39 -0.63 1.39
CA SER B 207 -16.47 -0.56 2.84
C SER B 207 -15.08 -0.63 3.42
N GLU B 208 -14.79 0.23 4.38
CA GLU B 208 -13.48 0.17 5.00
C GLU B 208 -13.33 -1.10 5.84
N SER B 209 -12.07 -1.42 6.14
CA SER B 209 -11.68 -2.65 6.81
C SER B 209 -12.31 -2.81 8.19
N ASP B 210 -12.66 -1.71 8.85
CA ASP B 210 -13.28 -1.72 10.15
C ASP B 210 -14.76 -1.30 10.10
N ARG B 211 -15.34 -1.23 8.90
CA ARG B 211 -16.71 -0.79 8.64
C ARG B 211 -16.92 0.69 8.96
N GLY B 212 -15.83 1.45 9.08
CA GLY B 212 -15.92 2.87 9.36
C GLY B 212 -15.92 3.77 8.14
N THR B 213 -14.84 4.54 7.96
CA THR B 213 -14.76 5.56 6.91
C THR B 213 -13.85 5.08 5.79
N PRO B 214 -14.38 4.85 4.59
CA PRO B 214 -13.52 4.47 3.45
C PRO B 214 -12.40 5.47 3.26
N GLY B 215 -11.17 4.94 3.09
CA GLY B 215 -9.98 5.74 2.94
C GLY B 215 -9.11 5.76 4.17
N TYR B 216 -9.64 5.32 5.31
CA TYR B 216 -9.02 5.49 6.62
C TYR B 216 -9.09 4.17 7.38
N GLY B 217 -8.44 3.15 6.81
CA GLY B 217 -8.34 1.84 7.41
C GLY B 217 -7.23 1.03 6.80
N THR B 218 -7.49 -0.23 6.46
CA THR B 218 -6.45 -1.05 5.86
C THR B 218 -6.75 -1.54 4.46
N CYS B 219 -7.91 -1.22 3.89
CA CYS B 219 -8.21 -1.69 2.54
C CYS B 219 -7.26 -1.06 1.52
N GLY B 220 -6.83 -1.87 0.56
CA GLY B 220 -5.95 -1.39 -0.51
C GLY B 220 -6.71 -0.76 -1.66
N TRP B 221 -7.12 0.49 -1.45
CA TRP B 221 -8.06 1.14 -2.37
C TRP B 221 -7.47 1.33 -3.76
N ASP B 222 -6.17 1.62 -3.85
CA ASP B 222 -5.60 1.83 -5.19
C ASP B 222 -5.62 0.55 -5.99
N GLU B 223 -5.25 -0.57 -5.37
CA GLU B 223 -5.35 -1.86 -6.04
C GLU B 223 -6.81 -2.17 -6.39
N ILE B 224 -7.74 -1.89 -5.47
CA ILE B 224 -9.16 -2.15 -5.76
C ILE B 224 -9.62 -1.37 -6.98
N PHE B 225 -9.41 -0.05 -6.99
CA PHE B 225 -9.94 0.75 -8.09
C PHE B 225 -9.19 0.49 -9.39
N SER B 226 -7.87 0.29 -9.34
CA SER B 226 -7.13 0.01 -10.57
C SER B 226 -7.60 -1.29 -11.19
N THR B 227 -7.85 -2.29 -10.36
CA THR B 227 -8.30 -3.58 -10.89
C THR B 227 -9.72 -3.51 -11.43
N LEU B 228 -10.61 -2.77 -10.75
CA LEU B 228 -11.96 -2.58 -11.29
C LEU B 228 -11.91 -1.92 -12.65
N ALA B 229 -11.10 -0.86 -12.78
CA ALA B 229 -10.95 -0.21 -14.08
C ALA B 229 -10.38 -1.17 -15.12
N ALA B 230 -9.43 -2.01 -14.71
CA ALA B 230 -8.75 -2.86 -15.67
C ALA B 230 -9.65 -3.97 -16.19
N ILE B 231 -10.62 -4.43 -15.39
CA ILE B 231 -11.56 -5.44 -15.87
C ILE B 231 -12.76 -4.82 -16.56
N GLY B 232 -12.81 -3.50 -16.64
CA GLY B 232 -13.89 -2.82 -17.31
C GLY B 232 -15.15 -2.80 -16.48
N PHE B 233 -15.03 -2.70 -15.16
CA PHE B 233 -16.20 -2.74 -14.30
C PHE B 233 -17.13 -1.59 -14.60
N LYS B 234 -18.41 -1.92 -14.85
CA LYS B 234 -19.43 -0.92 -15.16
C LYS B 234 -20.66 -1.12 -14.30
N GLY B 235 -20.53 -1.86 -13.20
CA GLY B 235 -21.63 -2.13 -12.30
C GLY B 235 -21.75 -1.09 -11.20
N GLY B 236 -22.40 -1.50 -10.11
CA GLY B 236 -22.70 -0.58 -9.04
C GLY B 236 -21.55 -0.45 -8.06
N LEU B 237 -21.19 0.78 -7.75
CA LEU B 237 -20.23 1.11 -6.70
C LEU B 237 -21.02 1.62 -5.50
N ALA B 238 -21.15 0.78 -4.48
CA ALA B 238 -22.09 1.03 -3.38
C ALA B 238 -21.32 1.20 -2.08
N MET B 239 -21.36 2.41 -1.53
CA MET B 239 -20.71 2.65 -0.25
C MET B 239 -21.49 1.96 0.87
N GLU B 240 -20.75 1.31 1.78
CA GLU B 240 -21.35 0.65 2.93
C GLU B 240 -20.53 0.98 4.17
N SER B 241 -21.19 1.50 5.20
CA SER B 241 -20.57 1.73 6.49
C SER B 241 -21.57 1.31 7.55
N PHE B 242 -21.07 0.86 8.70
CA PHE B 242 -21.98 0.47 9.77
C PHE B 242 -22.27 1.62 10.75
N ILE B 243 -21.86 2.85 10.42
CA ILE B 243 -22.16 3.96 11.31
C ILE B 243 -23.67 4.09 11.46
N ASN B 244 -24.10 4.29 12.70
CA ASN B 244 -25.50 4.60 13.06
C ASN B 244 -26.47 3.47 12.76
N MET B 245 -25.99 2.23 12.60
CA MET B 245 -26.90 1.12 12.47
C MET B 245 -27.64 0.92 13.80
N PRO B 246 -28.90 0.49 13.75
CA PRO B 246 -29.63 0.16 14.98
C PRO B 246 -28.83 -0.84 15.81
N PRO B 247 -28.79 -0.66 17.13
CA PRO B 247 -27.91 -1.51 17.97
C PRO B 247 -28.12 -3.01 17.78
N GLU B 248 -29.36 -3.47 17.68
CA GLU B 248 -29.61 -4.90 17.54
C GLU B 248 -29.06 -5.44 16.23
N VAL B 249 -29.22 -4.69 15.13
CA VAL B 249 -28.60 -5.10 13.88
C VAL B 249 -27.08 -5.07 14.00
N ALA B 250 -26.54 -4.01 14.60
CA ALA B 250 -25.10 -3.87 14.73
C ALA B 250 -24.49 -5.00 15.57
N TYR B 251 -25.15 -5.38 16.67
CA TYR B 251 -24.62 -6.45 17.51
C TYR B 251 -24.61 -7.78 16.75
N GLY B 252 -25.62 -8.02 15.91
CA GLY B 252 -25.63 -9.22 15.10
C GLY B 252 -24.50 -9.27 14.07
N LEU B 253 -23.90 -8.12 13.76
CA LEU B 253 -22.78 -8.02 12.84
C LEU B 253 -21.44 -7.86 13.56
N ALA B 254 -21.40 -8.13 14.87
CA ALA B 254 -20.19 -8.11 15.68
C ALA B 254 -19.60 -6.71 15.82
N VAL B 255 -20.46 -5.70 15.85
CA VAL B 255 -20.06 -4.32 16.13
C VAL B 255 -20.14 -4.13 17.65
N TRP B 256 -19.00 -4.20 18.31
CA TRP B 256 -18.93 -4.14 19.76
C TRP B 256 -18.54 -2.75 20.27
N ARG B 257 -18.24 -1.83 19.37
CA ARG B 257 -17.72 -0.51 19.67
C ARG B 257 -17.94 0.36 18.43
N PRO B 258 -17.94 1.67 18.58
CA PRO B 258 -18.23 2.52 17.42
C PRO B 258 -17.23 2.31 16.29
N VAL B 259 -17.76 2.30 15.06
CA VAL B 259 -16.90 2.13 13.89
C VAL B 259 -16.31 3.45 13.41
N ALA B 260 -16.85 4.58 13.86
CA ALA B 260 -16.44 5.90 13.42
C ALA B 260 -17.12 6.91 14.34
N LYS B 261 -16.74 8.18 14.19
CA LYS B 261 -17.25 9.20 15.10
C LYS B 261 -18.73 9.50 14.86
N ASP B 262 -19.11 9.78 13.61
CA ASP B 262 -20.48 10.16 13.27
C ASP B 262 -20.65 10.13 11.76
N GLU B 263 -21.87 10.42 11.30
CA GLU B 263 -22.16 10.41 9.87
C GLU B 263 -21.30 11.41 9.11
N GLU B 264 -21.08 12.59 9.70
CA GLU B 264 -20.28 13.60 9.03
C GLU B 264 -18.86 13.10 8.74
N GLU B 265 -18.29 12.34 9.67
CA GLU B 265 -16.96 11.76 9.41
C GLU B 265 -17.02 10.72 8.29
N VAL B 266 -17.97 9.78 8.38
CA VAL B 266 -18.05 8.70 7.41
C VAL B 266 -18.43 9.23 6.04
N MET B 267 -19.50 10.00 5.96
CA MET B 267 -19.98 10.45 4.64
C MET B 267 -19.20 11.65 4.14
N GLY B 268 -18.79 12.54 5.05
CA GLY B 268 -18.08 13.74 4.63
C GLY B 268 -16.66 13.48 4.21
N ASN B 269 -16.05 12.41 4.69
CA ASN B 269 -14.71 12.03 4.26
C ASN B 269 -14.70 10.81 3.35
N GLY B 270 -15.56 9.83 3.62
CA GLY B 270 -15.48 8.56 2.90
C GLY B 270 -16.07 8.63 1.50
N LEU B 271 -17.23 9.29 1.36
CA LEU B 271 -17.83 9.38 0.03
C LEU B 271 -16.96 10.20 -0.92
N PRO B 272 -16.45 11.38 -0.56
CA PRO B 272 -15.56 12.08 -1.48
C PRO B 272 -14.31 11.26 -1.80
N PHE B 273 -13.77 10.54 -0.83
CA PHE B 273 -12.61 9.70 -1.09
C PHE B 273 -12.91 8.68 -2.19
N LEU B 274 -14.03 7.96 -2.06
CA LEU B 274 -14.37 6.95 -3.05
C LEU B 274 -14.69 7.56 -4.41
N ARG B 275 -15.46 8.65 -4.43
CA ARG B 275 -15.74 9.29 -5.71
C ARG B 275 -14.45 9.78 -6.37
N ASN B 276 -13.52 10.32 -5.57
CA ASN B 276 -12.26 10.80 -6.11
C ASN B 276 -11.45 9.64 -6.68
N LYS B 277 -11.44 8.50 -6.00
CA LYS B 277 -10.70 7.34 -6.50
C LYS B 277 -11.32 6.82 -7.78
N ALA B 278 -12.66 6.80 -7.86
CA ALA B 278 -13.31 6.35 -9.07
C ALA B 278 -12.96 7.24 -10.26
N LYS B 279 -12.89 8.56 -10.03
CA LYS B 279 -12.45 9.48 -11.07
C LYS B 279 -11.00 9.23 -11.43
N GLN B 280 -10.15 9.07 -10.42
CA GLN B 280 -8.71 8.91 -10.63
C GLN B 280 -8.42 7.75 -11.58
N TYR B 281 -9.12 6.64 -11.40
CA TYR B 281 -8.84 5.44 -12.17
C TYR B 281 -9.78 5.28 -13.36
N GLY B 282 -10.60 6.29 -13.64
CA GLY B 282 -11.38 6.27 -14.86
C GLY B 282 -12.59 5.37 -14.85
N LEU B 283 -13.13 5.03 -13.68
CA LEU B 283 -14.43 4.39 -13.61
C LEU B 283 -15.54 5.44 -13.70
N ILE B 284 -15.29 6.60 -13.09
CA ILE B 284 -16.23 7.70 -12.81
C ILE B 284 -17.69 7.31 -12.89
N MET C 3 8.31 25.29 12.78
CA MET C 3 6.87 25.50 12.63
C MET C 3 6.04 24.37 13.26
N GLN C 4 4.72 24.56 13.29
CA GLN C 4 3.78 23.58 13.83
C GLN C 4 2.50 23.68 13.01
N GLY C 5 1.76 22.57 12.92
CA GLY C 5 0.52 22.62 12.19
C GLY C 5 0.69 22.42 10.69
N PHE C 6 -0.31 22.88 9.94
CA PHE C 6 -0.38 22.66 8.50
C PHE C 6 -0.07 23.95 7.74
N GLY C 7 0.69 23.81 6.65
CA GLY C 7 1.07 24.96 5.83
C GLY C 7 1.10 24.59 4.37
N VAL C 8 1.38 25.59 3.54
CA VAL C 8 1.38 25.43 2.08
C VAL C 8 2.52 26.24 1.48
N HIS C 9 3.32 25.59 0.63
CA HIS C 9 4.28 26.29 -0.21
C HIS C 9 3.54 27.15 -1.24
N THR C 10 3.93 28.43 -1.36
CA THR C 10 3.08 29.37 -2.07
C THR C 10 3.12 29.21 -3.60
N SER C 11 3.90 28.28 -4.14
CA SER C 11 3.72 27.92 -5.53
C SER C 11 2.31 27.39 -5.82
N MET C 12 1.56 26.99 -4.78
CA MET C 12 0.15 26.64 -4.96
C MET C 12 -0.62 27.77 -5.62
N TRP C 13 -0.21 29.01 -5.39
CA TRP C 13 -1.00 30.19 -5.71
C TRP C 13 -0.27 31.25 -6.52
N THR C 14 1.05 31.31 -6.48
CA THR C 14 1.72 32.36 -7.23
C THR C 14 3.07 31.89 -7.75
N MET C 15 3.42 32.39 -8.94
CA MET C 15 4.68 32.03 -9.56
C MET C 15 5.85 32.74 -8.88
N ASN C 16 5.69 34.02 -8.54
CA ASN C 16 6.75 34.81 -7.93
C ASN C 16 6.23 35.45 -6.66
N TRP C 17 7.13 35.65 -5.71
CA TRP C 17 6.76 36.36 -4.48
C TRP C 17 7.02 37.86 -4.65
N ASP C 18 6.29 38.44 -5.58
CA ASP C 18 6.22 39.89 -5.74
C ASP C 18 5.00 40.40 -4.98
N ARG C 19 4.76 41.71 -5.03
CA ARG C 19 3.64 42.24 -4.25
C ARG C 19 2.29 41.67 -4.68
N PRO C 20 1.94 41.61 -5.97
CA PRO C 20 0.64 41.00 -6.31
C PRO C 20 0.59 39.53 -5.95
N GLY C 21 1.71 38.81 -6.05
CA GLY C 21 1.71 37.40 -5.70
C GLY C 21 1.54 37.18 -4.20
N ALA C 22 2.19 38.01 -3.39
CA ALA C 22 2.00 37.92 -1.94
C ALA C 22 0.54 38.16 -1.57
N GLU C 23 -0.10 39.17 -2.18
CA GLU C 23 -1.52 39.42 -1.92
C GLU C 23 -2.37 38.20 -2.28
N ARG C 24 -2.10 37.61 -3.44
CA ARG C 24 -2.92 36.50 -3.91
C ARG C 24 -2.73 35.27 -3.02
N ALA C 25 -1.49 34.99 -2.65
CA ALA C 25 -1.21 33.78 -1.87
C ALA C 25 -1.77 33.89 -0.45
N VAL C 26 -1.59 35.05 0.19
CA VAL C 26 -2.08 35.20 1.55
C VAL C 26 -3.60 35.13 1.57
N ALA C 27 -4.26 35.73 0.59
CA ALA C 27 -5.72 35.65 0.53
C ALA C 27 -6.18 34.22 0.31
N ALA C 28 -5.49 33.47 -0.56
CA ALA C 28 -5.88 32.07 -0.75
C ALA C 28 -5.61 31.24 0.50
N ALA C 29 -4.55 31.55 1.24
CA ALA C 29 -4.22 30.75 2.41
C ALA C 29 -5.29 30.85 3.49
N LEU C 30 -5.78 32.06 3.76
CA LEU C 30 -6.76 32.20 4.84
C LEU C 30 -8.07 31.47 4.52
N LYS C 31 -8.38 31.29 3.24
CA LYS C 31 -9.57 30.56 2.82
C LYS C 31 -9.48 29.07 3.15
N TYR C 32 -8.29 28.53 3.41
CA TYR C 32 -8.12 27.13 3.78
C TYR C 32 -7.77 26.94 5.25
N GLU C 33 -7.60 28.03 6.00
CA GLU C 33 -7.39 27.97 7.45
C GLU C 33 -6.10 27.23 7.81
N VAL C 34 -5.08 27.39 6.99
CA VAL C 34 -3.78 26.82 7.31
C VAL C 34 -3.09 27.71 8.33
N ASP C 35 -2.06 27.17 8.95
CA ASP C 35 -1.37 27.86 10.02
C ASP C 35 -0.19 28.68 9.51
N PHE C 36 0.39 28.31 8.37
CA PHE C 36 1.56 29.02 7.90
C PHE C 36 1.66 28.85 6.39
N ILE C 37 2.50 29.69 5.78
CA ILE C 37 2.85 29.52 4.39
C ILE C 37 4.38 29.48 4.28
N GLU C 38 4.85 28.83 3.23
CA GLU C 38 6.27 28.73 2.92
C GLU C 38 6.53 29.54 1.66
N ILE C 39 7.38 30.57 1.77
CA ILE C 39 7.58 31.58 0.74
C ILE C 39 8.93 31.35 0.07
N PRO C 40 8.98 31.22 -1.26
CA PRO C 40 10.29 31.08 -1.92
C PRO C 40 11.12 32.35 -1.78
N MET C 41 12.38 32.18 -1.42
CA MET C 41 13.32 33.28 -1.30
C MET C 41 14.31 33.19 -2.44
N LEU C 42 13.81 33.28 -3.68
CA LEU C 42 14.63 33.06 -4.86
C LEU C 42 15.18 34.34 -5.47
N ASN C 43 14.60 35.49 -5.15
CA ASN C 43 15.14 36.80 -5.59
C ASN C 43 15.11 37.75 -4.41
N PRO C 44 15.98 37.55 -3.43
CA PRO C 44 15.88 38.30 -2.17
C PRO C 44 15.80 39.81 -2.35
N PRO C 45 16.63 40.43 -3.20
CA PRO C 45 16.50 41.89 -3.38
C PRO C 45 15.17 42.35 -3.92
N ALA C 46 14.37 41.45 -4.49
CA ALA C 46 13.09 41.81 -5.06
C ALA C 46 11.93 41.67 -4.08
N VAL C 47 12.17 41.09 -2.90
CA VAL C 47 11.09 40.84 -1.96
C VAL C 47 10.79 42.13 -1.18
N ASP C 48 9.52 42.54 -1.20
CA ASP C 48 9.04 43.67 -0.39
C ASP C 48 8.66 43.10 0.97
N THR C 49 9.60 43.16 1.92
CA THR C 49 9.41 42.51 3.21
C THR C 49 8.39 43.24 4.06
N GLU C 50 8.32 44.56 3.98
CA GLU C 50 7.34 45.30 4.77
C GLU C 50 5.92 44.95 4.38
N HIS C 51 5.67 44.82 3.07
CA HIS C 51 4.36 44.48 2.55
C HIS C 51 3.98 43.06 2.93
N THR C 52 4.92 42.12 2.83
CA THR C 52 4.62 40.74 3.23
C THR C 52 4.38 40.66 4.73
N ARG C 53 5.23 41.29 5.53
CA ARG C 53 5.04 41.23 6.98
C ARG C 53 3.68 41.77 7.38
N ALA C 54 3.26 42.88 6.77
CA ALA C 54 1.94 43.43 7.08
C ALA C 54 0.82 42.44 6.77
N LEU C 55 0.92 41.75 5.63
CA LEU C 55 -0.09 40.77 5.27
C LEU C 55 -0.09 39.61 6.26
N LEU C 56 1.09 39.13 6.62
CA LEU C 56 1.16 37.96 7.49
C LEU C 56 0.57 38.28 8.86
N GLU C 57 0.95 39.42 9.44
CA GLU C 57 0.47 39.74 10.77
C GLU C 57 -1.02 40.09 10.77
N LYS C 58 -1.49 40.81 9.74
CA LYS C 58 -2.91 41.10 9.63
C LYS C 58 -3.75 39.83 9.60
N ASN C 59 -3.29 38.81 8.89
CA ASN C 59 -4.06 37.59 8.72
C ASN C 59 -3.62 36.49 9.66
N GLU C 60 -2.82 36.81 10.67
CA GLU C 60 -2.40 35.87 11.71
C GLU C 60 -1.82 34.59 11.11
N LEU C 61 -0.98 34.75 10.10
CA LEU C 61 -0.30 33.66 9.42
C LEU C 61 1.17 33.66 9.81
N ARG C 62 1.69 32.50 10.17
CA ARG C 62 3.13 32.35 10.32
C ARG C 62 3.76 32.03 8.95
N ALA C 63 5.08 32.11 8.90
CA ALA C 63 5.77 31.91 7.64
C ALA C 63 7.20 31.43 7.87
N LEU C 64 7.70 30.71 6.88
CA LEU C 64 9.12 30.45 6.73
C LEU C 64 9.42 30.59 5.24
N CYS C 65 10.70 30.59 4.92
CA CYS C 65 11.17 30.76 3.55
C CYS C 65 11.95 29.54 3.12
N SER C 66 12.05 29.34 1.81
CA SER C 66 12.88 28.25 1.31
C SER C 66 13.47 28.68 -0.03
N LEU C 67 14.56 28.02 -0.41
CA LEU C 67 15.21 28.37 -1.67
C LEU C 67 16.02 27.20 -2.19
N GLY C 68 16.52 27.37 -3.41
CA GLY C 68 17.70 26.66 -3.88
C GLY C 68 18.71 27.72 -4.29
N LEU C 69 19.98 27.39 -4.16
CA LEU C 69 21.02 28.36 -4.50
C LEU C 69 21.16 28.48 -6.02
N PRO C 70 21.33 29.69 -6.55
CA PRO C 70 21.67 29.83 -7.97
C PRO C 70 23.09 29.33 -8.22
N GLU C 71 23.34 28.91 -9.47
CA GLU C 71 24.62 28.24 -9.78
C GLU C 71 25.82 29.12 -9.46
N ARG C 72 25.70 30.44 -9.68
CA ARG C 72 26.78 31.35 -9.30
C ARG C 72 27.14 31.24 -7.81
N ALA C 73 26.27 30.66 -6.98
CA ALA C 73 26.53 30.61 -5.55
C ALA C 73 26.38 29.19 -4.99
N TRP C 74 26.62 28.16 -5.80
CA TRP C 74 26.50 26.79 -5.28
C TRP C 74 27.57 26.53 -4.22
N ALA C 75 27.13 26.10 -3.03
CA ALA C 75 28.02 25.99 -1.88
C ALA C 75 29.16 25.00 -2.12
N SER C 76 28.90 23.94 -2.89
CA SER C 76 29.88 22.88 -3.08
C SER C 76 31.13 23.36 -3.81
N VAL C 77 31.02 24.43 -4.62
CA VAL C 77 32.10 24.81 -5.52
C VAL C 77 32.43 26.29 -5.39
N ARG C 78 31.46 27.11 -4.99
CA ARG C 78 31.67 28.54 -4.78
C ARG C 78 31.19 28.91 -3.37
N PRO C 79 31.93 28.47 -2.35
CA PRO C 79 31.43 28.64 -0.96
C PRO C 79 31.37 30.08 -0.50
N ASP C 80 32.32 30.94 -0.91
CA ASP C 80 32.22 32.33 -0.48
C ASP C 80 30.98 33.00 -1.06
N ALA C 81 30.67 32.73 -2.34
CA ALA C 81 29.47 33.30 -2.92
C ALA C 81 28.21 32.74 -2.26
N ALA C 82 28.23 31.46 -1.88
CA ALA C 82 27.09 30.87 -1.20
C ALA C 82 26.83 31.56 0.14
N ILE C 83 27.89 31.83 0.90
CA ILE C 83 27.72 32.46 2.20
C ILE C 83 27.10 33.85 2.04
N GLU C 84 27.61 34.62 1.07
CA GLU C 84 27.04 35.94 0.83
C GLU C 84 25.59 35.86 0.40
N HIS C 85 25.25 34.91 -0.47
CA HIS C 85 23.86 34.78 -0.89
C HIS C 85 22.96 34.37 0.27
N LEU C 86 23.40 33.40 1.08
CA LEU C 86 22.58 32.95 2.20
C LEU C 86 22.38 34.05 3.22
N LYS C 87 23.40 34.90 3.42
CA LYS C 87 23.25 36.01 4.36
C LYS C 87 22.14 36.96 3.91
N VAL C 88 22.11 37.29 2.61
CA VAL C 88 21.06 38.12 2.05
C VAL C 88 19.69 37.47 2.25
N ALA C 89 19.60 36.17 1.93
CA ALA C 89 18.32 35.47 2.03
C ALA C 89 17.85 35.38 3.48
N ILE C 90 18.79 35.17 4.40
CA ILE C 90 18.45 35.10 5.83
C ILE C 90 17.90 36.44 6.30
N ASP C 91 18.58 37.53 5.93
CA ASP C 91 18.12 38.85 6.34
C ASP C 91 16.70 39.14 5.83
N LYS C 92 16.42 38.80 4.57
CA LYS C 92 15.10 39.08 4.03
C LYS C 92 14.05 38.18 4.67
N THR C 93 14.40 36.92 4.94
CA THR C 93 13.48 36.03 5.64
C THR C 93 13.11 36.60 7.00
N ALA C 94 14.13 37.03 7.76
CA ALA C 94 13.85 37.59 9.07
C ALA C 94 13.05 38.88 8.97
N ASP C 95 13.37 39.72 7.99
CA ASP C 95 12.68 41.00 7.83
C ASP C 95 11.18 40.83 7.60
N LEU C 96 10.78 39.82 6.83
CA LEU C 96 9.35 39.64 6.58
C LEU C 96 8.63 38.88 7.69
N GLY C 97 9.36 38.47 8.71
CA GLY C 97 8.76 37.73 9.80
C GLY C 97 8.87 36.23 9.66
N GLY C 98 9.63 35.74 8.69
CA GLY C 98 9.82 34.30 8.56
C GLY C 98 10.63 33.74 9.71
N GLU C 99 10.36 32.48 10.05
CA GLU C 99 10.97 31.88 11.23
C GLU C 99 12.12 30.93 10.90
N ALA C 100 12.31 30.59 9.64
CA ALA C 100 13.38 29.72 9.22
C ALA C 100 13.59 29.90 7.72
N LEU C 101 14.77 29.50 7.29
CA LEU C 101 15.11 29.41 5.86
C LEU C 101 15.51 27.98 5.59
N SER C 102 14.74 27.30 4.75
CA SER C 102 14.96 25.88 4.53
C SER C 102 15.05 25.57 3.03
N GLY C 103 15.06 24.29 2.68
CA GLY C 103 15.15 23.87 1.30
C GLY C 103 16.54 23.44 0.92
N VAL C 104 16.92 23.67 -0.34
CA VAL C 104 18.25 23.27 -0.80
C VAL C 104 19.17 24.45 -0.57
N ILE C 105 19.47 24.71 0.71
CA ILE C 105 20.29 25.86 1.07
C ILE C 105 21.76 25.57 0.91
N TYR C 106 22.11 24.33 0.52
CA TYR C 106 23.47 23.83 0.38
C TYR C 106 23.88 23.62 -1.06
N GLY C 107 23.00 23.93 -2.02
CA GLY C 107 23.33 23.67 -3.42
C GLY C 107 22.18 24.10 -4.30
N GLY C 108 22.20 23.61 -5.55
CA GLY C 108 21.20 24.00 -6.53
C GLY C 108 20.12 22.95 -6.71
N ILE C 109 18.94 23.42 -7.08
CA ILE C 109 17.89 22.56 -7.63
C ILE C 109 18.24 22.32 -9.09
N GLY C 110 18.64 21.09 -9.42
CA GLY C 110 19.24 20.77 -10.69
C GLY C 110 20.75 20.71 -10.68
N GLU C 111 21.38 20.76 -9.51
CA GLU C 111 22.84 20.68 -9.42
C GLU C 111 23.30 19.22 -9.59
N ARG C 112 24.31 19.04 -10.42
CA ARG C 112 24.78 17.74 -10.87
C ARG C 112 26.19 17.94 -11.40
N THR C 113 27.19 17.26 -10.83
CA THR C 113 28.52 17.27 -11.46
C THR C 113 28.68 16.20 -12.51
N GLY C 114 27.85 15.16 -12.47
CA GLY C 114 27.99 14.00 -13.30
C GLY C 114 28.69 12.83 -12.63
N VAL C 115 29.26 13.04 -11.44
CA VAL C 115 29.90 11.97 -10.66
C VAL C 115 29.41 12.04 -9.22
N PRO C 116 29.66 11.02 -8.41
CA PRO C 116 29.16 11.04 -7.03
C PRO C 116 29.77 12.17 -6.23
N PRO C 117 29.12 12.59 -5.14
CA PRO C 117 29.64 13.70 -4.34
C PRO C 117 30.95 13.32 -3.66
N THR C 118 31.78 14.34 -3.44
CA THR C 118 33.11 14.18 -2.91
C THR C 118 33.24 14.84 -1.55
N GLU C 119 34.25 14.41 -0.80
CA GLU C 119 34.54 15.03 0.49
C GLU C 119 34.85 16.52 0.35
N ALA C 120 35.56 16.90 -0.72
CA ALA C 120 35.87 18.32 -0.92
C ALA C 120 34.59 19.14 -1.04
N GLU C 121 33.57 18.60 -1.71
CA GLU C 121 32.30 19.30 -1.82
C GLU C 121 31.60 19.41 -0.48
N TYR C 122 31.56 18.31 0.28
CA TYR C 122 30.91 18.33 1.58
C TYR C 122 31.64 19.23 2.56
N ASP C 123 32.97 19.30 2.47
CA ASP C 123 33.73 20.19 3.33
C ASP C 123 33.37 21.65 3.05
N ASN C 124 33.24 22.00 1.77
CA ASN C 124 32.78 23.34 1.41
C ASN C 124 31.39 23.61 1.96
N ILE C 125 30.48 22.65 1.80
CA ILE C 125 29.11 22.86 2.27
C ILE C 125 29.09 23.06 3.78
N ALA C 126 29.87 22.27 4.51
CA ALA C 126 29.88 22.41 5.97
C ALA C 126 30.37 23.77 6.39
N ARG C 127 31.39 24.30 5.71
CA ARG C 127 31.85 25.65 6.04
C ARG C 127 30.77 26.69 5.75
N VAL C 128 30.10 26.55 4.61
CA VAL C 128 29.03 27.48 4.25
C VAL C 128 27.92 27.44 5.30
N LEU C 129 27.45 26.24 5.63
CA LEU C 129 26.33 26.15 6.55
C LEU C 129 26.72 26.61 7.95
N SER C 130 27.97 26.39 8.35
CA SER C 130 28.41 26.88 9.65
C SER C 130 28.32 28.39 9.71
N ALA C 131 28.82 29.06 8.66
CA ALA C 131 28.76 30.52 8.60
C ALA C 131 27.32 31.00 8.49
N ALA C 132 26.51 30.34 7.66
CA ALA C 132 25.12 30.76 7.51
C ALA C 132 24.33 30.55 8.80
N ALA C 133 24.61 29.47 9.53
CA ALA C 133 23.88 29.21 10.76
C ALA C 133 24.19 30.24 11.83
N LYS C 134 25.44 30.72 11.86
CA LYS C 134 25.77 31.81 12.79
C LYS C 134 25.03 33.08 12.42
N HIS C 135 24.95 33.40 11.11
CA HIS C 135 24.18 34.57 10.70
C HIS C 135 22.69 34.38 11.03
N ALA C 136 22.14 33.19 10.77
CA ALA C 136 20.75 32.93 11.13
C ALA C 136 20.50 33.16 12.61
N LYS C 137 21.44 32.72 13.46
CA LYS C 137 21.28 32.90 14.90
C LYS C 137 21.23 34.38 15.25
N SER C 138 22.06 35.19 14.59
CA SER C 138 22.05 36.63 14.86
C SER C 138 20.73 37.29 14.45
N ARG C 139 19.97 36.67 13.55
CA ARG C 139 18.67 37.20 13.15
C ARG C 139 17.52 36.44 13.78
N GLY C 140 17.80 35.46 14.63
CA GLY C 140 16.75 34.77 15.35
C GLY C 140 15.95 33.75 14.55
N ILE C 141 16.50 33.20 13.47
CA ILE C 141 15.81 32.18 12.70
C ILE C 141 16.66 30.92 12.63
N GLU C 142 16.02 29.82 12.27
CA GLU C 142 16.74 28.56 12.10
C GLU C 142 16.92 28.27 10.61
N LEU C 143 17.77 27.30 10.33
CA LEU C 143 18.00 26.84 8.97
C LEU C 143 17.53 25.40 8.82
N GLY C 144 17.02 25.09 7.65
CA GLY C 144 16.59 23.73 7.32
C GLY C 144 17.34 23.20 6.11
N VAL C 145 17.70 21.91 6.17
CA VAL C 145 18.38 21.21 5.08
C VAL C 145 17.39 20.19 4.53
N GLU C 146 16.95 20.39 3.28
CA GLU C 146 15.97 19.50 2.65
C GLU C 146 16.70 18.48 1.79
N ALA C 147 16.49 17.19 2.09
CA ALA C 147 16.98 16.13 1.21
C ALA C 147 16.12 16.07 -0.05
N VAL C 148 16.75 16.12 -1.23
CA VAL C 148 16.01 16.09 -2.48
C VAL C 148 16.52 14.92 -3.33
N ASN C 149 15.75 14.56 -4.36
CA ASN C 149 16.13 13.35 -5.09
C ASN C 149 17.38 13.55 -5.95
N ARG C 150 17.92 12.40 -6.39
CA ARG C 150 19.19 12.32 -7.13
C ARG C 150 19.24 13.21 -8.37
N TYR C 151 18.10 13.50 -8.97
CA TYR C 151 18.09 14.30 -10.18
C TYR C 151 18.09 15.79 -9.89
N GLU C 152 17.69 16.21 -8.70
CA GLU C 152 17.71 17.61 -8.34
C GLU C 152 19.00 18.02 -7.62
N ASN C 153 19.68 17.08 -6.97
CA ASN C 153 20.95 17.43 -6.36
C ASN C 153 21.71 16.14 -6.12
N HIS C 154 23.04 16.18 -6.21
CA HIS C 154 23.81 14.95 -6.05
C HIS C 154 24.38 14.79 -4.65
N LEU C 155 24.16 15.73 -3.74
CA LEU C 155 24.87 15.78 -2.47
C LEU C 155 24.06 15.26 -1.29
N ILE C 156 22.79 15.62 -1.17
CA ILE C 156 21.98 15.23 -0.02
C ILE C 156 20.64 14.72 -0.55
N ASN C 157 20.47 13.39 -0.54
CA ASN C 157 19.30 12.77 -1.11
C ASN C 157 18.44 12.02 -0.11
N THR C 158 18.98 11.63 1.04
CA THR C 158 18.26 10.83 2.01
C THR C 158 18.22 11.50 3.37
N GLY C 159 17.29 11.04 4.20
CA GLY C 159 17.29 11.44 5.60
C GLY C 159 18.63 11.19 6.26
N TRP C 160 19.25 10.04 5.99
CA TRP C 160 20.51 9.74 6.65
C TRP C 160 21.62 10.70 6.20
N GLN C 161 21.65 11.06 4.92
CA GLN C 161 22.66 12.02 4.48
C GLN C 161 22.41 13.40 5.07
N ALA C 162 21.14 13.82 5.16
CA ALA C 162 20.87 15.13 5.74
C ALA C 162 21.35 15.18 7.20
N VAL C 163 21.08 14.11 7.96
CA VAL C 163 21.55 14.07 9.34
C VAL C 163 23.07 14.07 9.40
N GLN C 164 23.72 13.33 8.50
CA GLN C 164 25.18 13.34 8.44
C GLN C 164 25.72 14.75 8.25
N MET C 165 25.04 15.55 7.42
CA MET C 165 25.50 16.93 7.24
C MET C 165 25.26 17.76 8.49
N ILE C 166 24.10 17.60 9.13
CA ILE C 166 23.85 18.37 10.34
C ILE C 166 24.89 18.02 11.40
N GLU C 167 25.29 16.75 11.48
CA GLU C 167 26.32 16.39 12.44
C GLU C 167 27.71 16.85 11.98
N ARG C 168 27.98 16.82 10.67
CA ARG C 168 29.25 17.36 10.17
C ARG C 168 29.40 18.84 10.49
N VAL C 169 28.32 19.62 10.36
CA VAL C 169 28.38 21.06 10.60
C VAL C 169 28.53 21.33 12.10
N GLY C 170 27.77 20.62 12.93
CA GLY C 170 27.89 20.74 14.35
C GLY C 170 27.27 21.98 14.94
N ALA C 171 26.31 22.60 14.24
CA ALA C 171 25.60 23.74 14.77
C ALA C 171 24.41 23.26 15.61
N ASP C 172 23.72 24.19 16.25
CA ASP C 172 22.57 23.84 17.06
C ASP C 172 21.26 24.40 16.52
N ASN C 173 21.27 25.00 15.33
CA ASN C 173 20.07 25.67 14.82
C ASN C 173 19.78 25.29 13.38
N ILE C 174 20.22 24.10 12.97
CA ILE C 174 19.91 23.54 11.65
C ILE C 174 19.10 22.27 11.85
N PHE C 175 17.96 22.20 11.19
CA PHE C 175 17.10 21.02 11.26
C PHE C 175 17.04 20.32 9.91
N VAL C 176 16.44 19.13 9.91
CA VAL C 176 16.23 18.36 8.69
C VAL C 176 14.81 18.57 8.20
N HIS C 177 14.69 18.71 6.88
CA HIS C 177 13.46 18.92 6.15
C HIS C 177 13.36 17.76 5.17
N LEU C 178 12.31 16.94 5.28
CA LEU C 178 12.12 15.84 4.34
C LEU C 178 10.97 16.16 3.41
N ASP C 179 10.88 15.40 2.31
CA ASP C 179 9.85 15.64 1.31
C ASP C 179 9.39 14.29 0.77
N THR C 180 8.09 13.98 0.94
CA THR C 180 7.60 12.66 0.54
C THR C 180 7.76 12.41 -0.96
N TYR C 181 7.74 13.46 -1.79
CA TYR C 181 7.99 13.27 -3.21
C TYR C 181 9.42 12.79 -3.46
N HIS C 182 10.38 13.38 -2.74
CA HIS C 182 11.77 12.95 -2.86
C HIS C 182 12.00 11.59 -2.22
N MET C 183 11.37 11.36 -1.06
CA MET C 183 11.57 10.08 -0.37
C MET C 183 10.97 8.93 -1.17
N ASN C 184 9.92 9.20 -1.94
CA ASN C 184 9.31 8.20 -2.82
C ASN C 184 10.33 7.60 -3.78
N ILE C 185 11.34 8.37 -4.15
CA ILE C 185 12.43 7.86 -4.98
C ILE C 185 13.60 7.38 -4.14
N GLU C 186 14.00 8.14 -3.12
CA GLU C 186 15.30 7.94 -2.49
C GLU C 186 15.32 6.95 -1.35
N GLU C 187 14.21 6.79 -0.61
CA GLU C 187 14.27 6.00 0.62
C GLU C 187 13.88 4.56 0.35
N LYS C 188 14.63 3.65 0.97
CA LYS C 188 14.41 2.21 0.79
C LYS C 188 13.29 1.80 1.74
N GLY C 189 12.06 2.14 1.35
CA GLY C 189 10.94 2.18 2.27
C GLY C 189 10.82 3.58 2.86
N VAL C 190 9.70 4.24 2.62
CA VAL C 190 9.63 5.68 2.90
C VAL C 190 9.78 5.95 4.38
N GLY C 191 9.29 5.04 5.24
CA GLY C 191 9.44 5.23 6.67
C GLY C 191 10.88 5.31 7.13
N ASN C 192 11.81 4.71 6.38
CA ASN C 192 13.22 4.75 6.77
C ASN C 192 13.80 6.16 6.74
N GLY C 193 13.33 7.00 5.81
CA GLY C 193 13.79 8.38 5.81
C GLY C 193 13.39 9.12 7.06
N ILE C 194 12.14 8.91 7.50
CA ILE C 194 11.66 9.54 8.72
C ILE C 194 12.41 9.01 9.94
N LEU C 195 12.58 7.68 10.03
CA LEU C 195 13.33 7.09 11.12
C LEU C 195 14.75 7.64 11.18
N ASP C 196 15.42 7.68 10.04
CA ASP C 196 16.82 8.10 10.03
C ASP C 196 16.96 9.56 10.46
N ALA C 197 15.99 10.40 10.15
CA ALA C 197 16.06 11.82 10.42
C ALA C 197 15.44 12.22 11.75
N ARG C 198 14.97 11.25 12.55
CA ARG C 198 14.02 11.58 13.60
C ARG C 198 14.56 12.61 14.61
N GLU C 199 15.85 12.55 14.95
CA GLU C 199 16.33 13.45 16.01
C GLU C 199 16.37 14.91 15.57
N HIS C 200 16.34 15.17 14.26
CA HIS C 200 16.47 16.51 13.72
C HIS C 200 15.31 16.93 12.84
N LEU C 201 14.32 16.08 12.66
CA LEU C 201 13.23 16.34 11.72
C LEU C 201 12.25 17.34 12.31
N LYS C 202 12.11 18.50 11.65
CA LYS C 202 11.17 19.52 12.11
C LYS C 202 10.21 20.00 11.02
N TYR C 203 10.32 19.48 9.81
CA TYR C 203 9.52 19.99 8.70
C TYR C 203 9.43 18.91 7.65
N ILE C 204 8.24 18.73 7.08
CA ILE C 204 8.10 17.75 6.02
C ILE C 204 7.15 18.29 4.95
N HIS C 205 7.57 18.19 3.70
CA HIS C 205 6.71 18.42 2.55
C HIS C 205 5.89 17.16 2.32
N LEU C 206 4.57 17.28 2.51
CA LEU C 206 3.62 16.22 2.17
C LEU C 206 3.19 16.43 0.73
N SER C 207 4.07 16.00 -0.18
CA SER C 207 3.96 16.27 -1.61
C SER C 207 3.74 14.95 -2.32
N GLU C 208 2.74 14.91 -3.20
CA GLU C 208 2.44 13.65 -3.87
C GLU C 208 3.55 13.30 -4.87
N SER C 209 3.57 12.01 -5.25
CA SER C 209 4.65 11.43 -6.04
C SER C 209 4.86 12.11 -7.39
N ASP C 210 3.82 12.70 -7.97
CA ASP C 210 3.92 13.43 -9.23
C ASP C 210 3.76 14.94 -9.03
N ARG C 211 3.89 15.40 -7.79
CA ARG C 211 3.69 16.77 -7.35
C ARG C 211 2.23 17.22 -7.44
N GLY C 212 1.30 16.29 -7.66
CA GLY C 212 -0.11 16.62 -7.76
C GLY C 212 -0.86 16.61 -6.45
N THR C 213 -1.99 15.92 -6.41
CA THR C 213 -2.88 16.00 -5.25
C THR C 213 -2.50 14.93 -4.23
N PRO C 214 -2.13 15.29 -3.00
CA PRO C 214 -1.88 14.26 -1.98
C PRO C 214 -3.06 13.33 -1.79
N GLY C 215 -2.77 12.04 -1.81
CA GLY C 215 -3.77 10.99 -1.68
C GLY C 215 -4.06 10.30 -2.97
N TYR C 216 -3.59 10.84 -4.09
CA TYR C 216 -3.95 10.38 -5.42
C TYR C 216 -2.70 10.24 -6.28
N GLY C 217 -1.65 9.67 -5.71
CA GLY C 217 -0.46 9.28 -6.46
C GLY C 217 0.09 8.00 -5.89
N THR C 218 1.41 7.89 -5.74
CA THR C 218 1.97 6.62 -5.27
C THR C 218 2.56 6.67 -3.87
N CYS C 219 2.57 7.83 -3.22
CA CYS C 219 3.19 7.89 -1.89
C CYS C 219 2.47 6.99 -0.90
N GLY C 220 3.25 6.34 -0.03
CA GLY C 220 2.69 5.45 0.98
C GLY C 220 2.23 6.21 2.21
N TRP C 221 1.05 6.85 2.12
CA TRP C 221 0.67 7.83 3.13
C TRP C 221 0.46 7.20 4.50
N ASP C 222 -0.07 5.97 4.55
CA ASP C 222 -0.30 5.34 5.85
C ASP C 222 1.02 5.04 6.55
N GLU C 223 2.02 4.55 5.80
CA GLU C 223 3.35 4.36 6.38
C GLU C 223 3.93 5.69 6.84
N ILE C 224 3.77 6.74 6.02
CA ILE C 224 4.32 8.04 6.36
C ILE C 224 3.72 8.55 7.67
N PHE C 225 2.39 8.56 7.76
CA PHE C 225 1.73 9.14 8.94
C PHE C 225 1.93 8.28 10.18
N SER C 226 1.89 6.94 10.03
CA SER C 226 2.16 6.08 11.18
C SER C 226 3.55 6.32 11.74
N THR C 227 4.53 6.49 10.85
CA THR C 227 5.90 6.67 11.29
C THR C 227 6.10 8.06 11.90
N LEU C 228 5.47 9.09 11.33
CA LEU C 228 5.53 10.42 11.96
C LEU C 228 4.94 10.37 13.36
N ALA C 229 3.81 9.68 13.55
CA ALA C 229 3.24 9.58 14.89
C ALA C 229 4.18 8.85 15.83
N ALA C 230 4.77 7.76 15.35
CA ALA C 230 5.63 6.93 16.19
C ALA C 230 6.86 7.70 16.67
N ILE C 231 7.43 8.56 15.83
CA ILE C 231 8.61 9.31 16.25
C ILE C 231 8.26 10.58 16.99
N GLY C 232 6.98 10.84 17.23
CA GLY C 232 6.55 12.03 17.94
C GLY C 232 6.75 13.31 17.16
N PHE C 233 6.55 13.27 15.84
CA PHE C 233 6.76 14.47 15.04
C PHE C 233 5.80 15.57 15.45
N LYS C 234 6.33 16.78 15.65
CA LYS C 234 5.49 17.89 16.06
C LYS C 234 5.87 19.16 15.32
N GLY C 235 6.47 19.01 14.14
CA GLY C 235 6.89 20.14 13.33
C GLY C 235 5.88 20.51 12.27
N GLY C 236 6.37 21.16 11.20
CA GLY C 236 5.48 21.65 10.17
C GLY C 236 5.12 20.56 9.15
N LEU C 237 3.84 20.49 8.82
CA LEU C 237 3.30 19.63 7.77
C LEU C 237 2.88 20.53 6.62
N ALA C 238 3.62 20.50 5.52
CA ALA C 238 3.43 21.50 4.47
C ALA C 238 3.16 20.85 3.13
N MET C 239 2.14 21.35 2.43
CA MET C 239 1.84 20.91 1.09
C MET C 239 2.78 21.58 0.08
N GLU C 240 3.08 20.85 -0.99
CA GLU C 240 3.91 21.38 -2.07
C GLU C 240 3.42 20.79 -3.38
N SER C 241 2.75 21.60 -4.18
CA SER C 241 2.21 21.19 -5.47
C SER C 241 2.46 22.33 -6.43
N PHE C 242 3.14 22.08 -7.54
CA PHE C 242 3.56 23.16 -8.43
C PHE C 242 2.46 23.48 -9.45
N ILE C 243 1.36 24.01 -8.93
CA ILE C 243 0.34 24.61 -9.78
C ILE C 243 0.94 25.77 -10.56
N ASN C 244 1.80 26.53 -9.89
CA ASN C 244 2.60 27.58 -10.48
C ASN C 244 4.05 27.20 -10.25
N MET C 245 4.93 27.67 -11.13
CA MET C 245 6.33 27.28 -11.06
C MET C 245 7.22 28.50 -11.02
N PRO C 246 7.93 28.74 -9.92
CA PRO C 246 8.87 29.86 -9.88
C PRO C 246 9.91 29.71 -10.96
N PRO C 247 10.13 30.75 -11.77
CA PRO C 247 10.94 30.56 -12.99
C PRO C 247 12.39 30.16 -12.69
N GLU C 248 12.94 30.62 -11.57
CA GLU C 248 14.35 30.39 -11.31
C GLU C 248 14.66 28.94 -11.00
N VAL C 249 13.66 28.12 -10.69
CA VAL C 249 13.88 26.71 -10.37
C VAL C 249 13.15 25.77 -11.31
N ALA C 250 12.48 26.31 -12.35
CA ALA C 250 11.68 25.46 -13.22
C ALA C 250 12.52 24.39 -13.91
N TYR C 251 13.73 24.76 -14.35
CA TYR C 251 14.54 23.80 -15.08
C TYR C 251 14.87 22.60 -14.20
N GLY C 252 15.13 22.85 -12.92
CA GLY C 252 15.51 21.77 -12.03
C GLY C 252 14.35 20.95 -11.50
N LEU C 253 13.15 21.56 -11.38
CA LEU C 253 12.01 20.87 -10.78
C LEU C 253 11.25 19.99 -11.77
N ALA C 254 11.41 20.24 -13.08
CA ALA C 254 10.98 19.33 -14.15
C ALA C 254 9.47 19.08 -14.16
N VAL C 255 8.69 20.16 -14.09
CA VAL C 255 7.24 20.09 -14.23
C VAL C 255 6.92 20.51 -15.65
N TRP C 256 6.76 19.53 -16.55
CA TRP C 256 6.61 19.74 -17.98
C TRP C 256 5.16 19.69 -18.44
N ARG C 257 4.25 19.41 -17.52
CA ARG C 257 2.83 19.20 -17.77
C ARG C 257 2.10 19.45 -16.46
N PRO C 258 0.82 19.79 -16.51
CA PRO C 258 0.12 20.17 -15.27
C PRO C 258 0.13 19.03 -14.25
N VAL C 259 0.45 19.38 -13.00
CA VAL C 259 0.46 18.39 -11.93
C VAL C 259 -0.95 18.02 -11.48
N ALA C 260 -1.93 18.85 -11.81
CA ALA C 260 -3.33 18.67 -11.40
C ALA C 260 -4.12 19.74 -12.14
N LYS C 261 -5.45 19.68 -12.00
CA LYS C 261 -6.30 20.58 -12.76
C LYS C 261 -6.09 22.05 -12.37
N ASP C 262 -6.14 22.35 -11.07
CA ASP C 262 -5.96 23.70 -10.57
C ASP C 262 -5.75 23.63 -9.06
N GLU C 263 -5.51 24.80 -8.45
CA GLU C 263 -5.30 24.84 -7.00
C GLU C 263 -6.54 24.39 -6.25
N GLU C 264 -7.72 24.61 -6.84
CA GLU C 264 -8.95 24.21 -6.16
C GLU C 264 -9.04 22.70 -6.03
N GLU C 265 -8.57 21.96 -7.04
CA GLU C 265 -8.53 20.49 -6.95
C GLU C 265 -7.53 20.03 -5.90
N VAL C 266 -6.32 20.59 -5.92
CA VAL C 266 -5.28 20.14 -5.01
C VAL C 266 -5.64 20.50 -3.58
N MET C 267 -6.06 21.75 -3.35
CA MET C 267 -6.38 22.17 -1.99
C MET C 267 -7.70 21.57 -1.54
N GLY C 268 -8.66 21.41 -2.45
CA GLY C 268 -9.97 20.93 -2.07
C GLY C 268 -10.01 19.45 -1.73
N ASN C 269 -9.15 18.66 -2.37
CA ASN C 269 -9.07 17.22 -2.11
C ASN C 269 -7.84 16.83 -1.31
N GLY C 270 -6.71 17.51 -1.53
CA GLY C 270 -5.48 17.10 -0.90
C GLY C 270 -5.35 17.53 0.55
N LEU C 271 -5.75 18.76 0.87
CA LEU C 271 -5.60 19.21 2.25
C LEU C 271 -6.52 18.44 3.19
N PRO C 272 -7.79 18.20 2.85
CA PRO C 272 -8.63 17.38 3.74
C PRO C 272 -8.09 15.98 3.90
N PHE C 273 -7.57 15.37 2.83
CA PHE C 273 -6.94 14.06 2.96
C PHE C 273 -5.82 14.08 4.00
N LEU C 274 -4.91 15.06 3.90
CA LEU C 274 -3.78 15.09 4.82
C LEU C 274 -4.21 15.42 6.25
N ARG C 275 -5.13 16.37 6.40
CA ARG C 275 -5.65 16.67 7.73
C ARG C 275 -6.32 15.45 8.33
N ASN C 276 -7.07 14.72 7.51
CA ASN C 276 -7.76 13.53 8.02
C ASN C 276 -6.76 12.45 8.41
N LYS C 277 -5.68 12.28 7.63
CA LYS C 277 -4.68 11.29 8.00
C LYS C 277 -3.96 11.66 9.29
N ALA C 278 -3.69 12.97 9.47
CA ALA C 278 -3.02 13.40 10.69
C ALA C 278 -3.87 13.11 11.92
N LYS C 279 -5.19 13.29 11.79
CA LYS C 279 -6.08 12.96 12.89
C LYS C 279 -6.17 11.44 13.08
N GLN C 280 -6.23 10.70 11.97
CA GLN C 280 -6.34 9.24 12.05
C GLN C 280 -5.20 8.64 12.86
N TYR C 281 -3.98 9.09 12.62
CA TYR C 281 -2.82 8.54 13.31
C TYR C 281 -2.44 9.34 14.55
N GLY C 282 -3.28 10.29 14.94
CA GLY C 282 -3.10 10.97 16.22
C GLY C 282 -1.87 11.82 16.32
N LEU C 283 -1.46 12.46 15.22
CA LEU C 283 -0.24 13.27 15.26
C LEU C 283 -0.41 14.39 16.28
N ILE C 284 0.70 14.70 16.98
CA ILE C 284 0.71 15.77 17.95
C ILE C 284 0.15 17.03 17.33
N GLY C 285 -0.76 17.70 18.05
CA GLY C 285 -1.44 18.85 17.50
C GLY C 285 -2.66 18.52 16.66
N ASN C 286 -3.06 17.26 16.60
CA ASN C 286 -4.24 16.84 15.83
C ASN C 286 -5.13 15.90 16.62
N MET D 3 10.80 -12.66 24.78
CA MET D 3 11.41 -13.31 23.62
C MET D 3 12.07 -12.30 22.68
N GLN D 4 12.97 -12.78 21.84
CA GLN D 4 13.67 -11.96 20.85
C GLN D 4 13.88 -12.78 19.59
N GLY D 5 13.96 -12.09 18.45
CA GLY D 5 14.22 -12.75 17.19
C GLY D 5 12.96 -13.31 16.53
N PHE D 6 13.16 -14.30 15.68
CA PHE D 6 12.09 -14.87 14.86
C PHE D 6 11.65 -16.23 15.42
N GLY D 7 10.35 -16.46 15.42
CA GLY D 7 9.79 -17.71 15.89
C GLY D 7 8.59 -18.11 15.07
N VAL D 8 8.05 -19.30 15.36
CA VAL D 8 6.94 -19.88 14.60
C VAL D 8 5.96 -20.56 15.55
N HIS D 9 4.68 -20.26 15.40
CA HIS D 9 3.62 -21.00 16.08
C HIS D 9 3.54 -22.40 15.48
N THR D 10 3.54 -23.43 16.35
CA THR D 10 3.81 -24.78 15.86
C THR D 10 2.65 -25.41 15.09
N SER D 11 1.52 -24.73 14.95
CA SER D 11 0.51 -25.16 14.00
C SER D 11 1.05 -25.23 12.58
N MET D 12 2.20 -24.60 12.32
CA MET D 12 2.87 -24.74 11.04
C MET D 12 3.15 -26.19 10.72
N TRP D 13 3.34 -27.02 11.76
CA TRP D 13 3.92 -28.34 11.61
C TRP D 13 3.14 -29.45 12.33
N THR D 14 2.36 -29.15 13.36
CA THR D 14 1.65 -30.21 14.04
C THR D 14 0.28 -29.72 14.51
N MET D 15 -0.67 -30.65 14.54
CA MET D 15 -2.04 -30.34 14.95
C MET D 15 -2.16 -30.27 16.47
N ASN D 16 -1.50 -31.17 17.19
CA ASN D 16 -1.49 -31.17 18.64
C ASN D 16 -0.06 -31.26 19.14
N TRP D 17 0.16 -30.77 20.36
CA TRP D 17 1.47 -30.91 20.98
C TRP D 17 1.54 -32.23 21.76
N ASP D 18 1.48 -33.33 21.01
CA ASP D 18 1.81 -34.62 21.59
C ASP D 18 3.28 -34.92 21.32
N ARG D 19 3.75 -36.10 21.77
CA ARG D 19 5.16 -36.44 21.62
C ARG D 19 5.60 -36.51 20.17
N PRO D 20 4.90 -37.20 19.26
CA PRO D 20 5.32 -37.12 17.85
C PRO D 20 5.24 -35.72 17.27
N GLY D 21 4.23 -34.94 17.66
CA GLY D 21 4.12 -33.57 17.16
C GLY D 21 5.26 -32.68 17.63
N ALA D 22 5.65 -32.83 18.90
CA ALA D 22 6.79 -32.08 19.41
C ALA D 22 8.06 -32.42 18.65
N GLU D 23 8.28 -33.71 18.38
CA GLU D 23 9.46 -34.12 17.62
C GLU D 23 9.49 -33.48 16.24
N ARG D 24 8.35 -33.51 15.55
CA ARG D 24 8.29 -32.98 14.18
C ARG D 24 8.50 -31.47 14.17
N ALA D 25 7.82 -30.76 15.08
CA ALA D 25 7.90 -29.29 15.06
C ALA D 25 9.30 -28.82 15.42
N VAL D 26 9.92 -29.43 16.43
CA VAL D 26 11.26 -29.01 16.85
C VAL D 26 12.26 -29.25 15.73
N ALA D 27 12.17 -30.40 15.06
CA ALA D 27 13.04 -30.69 13.93
C ALA D 27 12.87 -29.64 12.83
N ALA D 28 11.61 -29.34 12.50
CA ALA D 28 11.34 -28.34 11.45
C ALA D 28 11.85 -26.96 11.84
N ALA D 29 11.66 -26.57 13.10
CA ALA D 29 12.12 -25.25 13.54
C ALA D 29 13.63 -25.11 13.39
N LEU D 30 14.38 -26.19 13.55
CA LEU D 30 15.83 -26.10 13.39
C LEU D 30 16.22 -25.93 11.93
N LYS D 31 15.52 -26.64 11.05
CA LYS D 31 15.81 -26.54 9.62
C LYS D 31 15.69 -25.11 9.12
N TYR D 32 14.80 -24.31 9.71
CA TYR D 32 14.62 -22.92 9.30
C TYR D 32 15.43 -21.95 10.14
N GLU D 33 16.15 -22.45 11.16
CA GLU D 33 17.07 -21.62 11.96
C GLU D 33 16.34 -20.48 12.65
N VAL D 34 15.15 -20.77 13.17
CA VAL D 34 14.44 -19.78 13.95
C VAL D 34 14.92 -19.83 15.40
N ASP D 35 14.61 -18.78 16.14
CA ASP D 35 15.09 -18.62 17.51
C ASP D 35 14.17 -19.25 18.54
N PHE D 36 12.88 -19.41 18.24
CA PHE D 36 11.96 -19.93 19.22
C PHE D 36 10.75 -20.52 18.52
N ILE D 37 9.97 -21.29 19.26
CA ILE D 37 8.68 -21.77 18.80
C ILE D 37 7.63 -21.39 19.82
N GLU D 38 6.40 -21.28 19.35
CA GLU D 38 5.24 -21.00 20.19
C GLU D 38 4.35 -22.24 20.22
N ILE D 39 4.15 -22.79 21.42
CA ILE D 39 3.50 -24.09 21.60
C ILE D 39 2.09 -23.87 22.12
N PRO D 40 1.05 -24.40 21.46
CA PRO D 40 -0.29 -24.30 22.04
C PRO D 40 -0.41 -25.14 23.30
N MET D 41 -0.91 -24.50 24.35
CA MET D 41 -1.19 -25.14 25.63
C MET D 41 -2.69 -25.38 25.75
N LEU D 42 -3.19 -26.22 24.84
CA LEU D 42 -4.62 -26.46 24.76
C LEU D 42 -5.06 -27.74 25.45
N ASN D 43 -4.14 -28.67 25.72
CA ASN D 43 -4.43 -29.90 26.47
C ASN D 43 -3.35 -30.09 27.54
N PRO D 44 -3.34 -29.24 28.56
CA PRO D 44 -2.22 -29.24 29.53
C PRO D 44 -1.97 -30.60 30.15
N PRO D 45 -3.00 -31.33 30.61
CA PRO D 45 -2.72 -32.67 31.17
C PRO D 45 -2.06 -33.62 30.19
N ALA D 46 -2.19 -33.38 28.90
CA ALA D 46 -1.66 -34.30 27.89
C ALA D 46 -0.25 -33.97 27.46
N VAL D 47 0.30 -32.83 27.87
CA VAL D 47 1.62 -32.43 27.41
C VAL D 47 2.69 -33.17 28.20
N ASP D 48 3.61 -33.81 27.48
CA ASP D 48 4.78 -34.45 28.09
C ASP D 48 5.85 -33.37 28.22
N THR D 49 5.92 -32.73 29.40
CA THR D 49 6.77 -31.55 29.55
C THR D 49 8.25 -31.91 29.52
N GLU D 50 8.65 -33.00 30.17
CA GLU D 50 10.08 -33.33 30.17
C GLU D 50 10.55 -33.69 28.78
N HIS D 51 9.69 -34.34 28.00
CA HIS D 51 10.03 -34.67 26.62
C HIS D 51 10.25 -33.40 25.79
N THR D 52 9.37 -32.42 25.95
CA THR D 52 9.55 -31.16 25.23
C THR D 52 10.75 -30.39 25.76
N ARG D 53 10.86 -30.27 27.09
CA ARG D 53 11.99 -29.57 27.68
C ARG D 53 13.31 -30.12 27.16
N ALA D 54 13.44 -31.45 27.09
CA ALA D 54 14.68 -32.05 26.61
C ALA D 54 14.93 -31.74 25.14
N LEU D 55 13.85 -31.74 24.35
CA LEU D 55 13.99 -31.40 22.94
C LEU D 55 14.48 -29.96 22.77
N LEU D 56 13.91 -29.04 23.54
CA LEU D 56 14.28 -27.63 23.41
C LEU D 56 15.72 -27.39 23.83
N GLU D 57 16.11 -27.92 25.00
CA GLU D 57 17.47 -27.71 25.48
C GLU D 57 18.49 -28.36 24.55
N LYS D 58 18.18 -29.56 24.05
CA LYS D 58 19.11 -30.26 23.18
C LYS D 58 19.41 -29.45 21.92
N ASN D 59 18.39 -28.75 21.40
CA ASN D 59 18.52 -28.07 20.11
C ASN D 59 18.60 -26.56 20.27
N GLU D 60 18.88 -26.07 21.47
CA GLU D 60 19.14 -24.65 21.73
C GLU D 60 18.00 -23.78 21.18
N LEU D 61 16.78 -24.20 21.50
CA LEU D 61 15.57 -23.55 21.02
C LEU D 61 14.80 -23.00 22.20
N ARG D 62 14.39 -21.75 22.11
CA ARG D 62 13.54 -21.18 23.15
C ARG D 62 12.07 -21.40 22.81
N ALA D 63 11.22 -21.14 23.79
CA ALA D 63 9.82 -21.43 23.58
C ALA D 63 8.96 -20.57 24.50
N LEU D 64 7.73 -20.34 24.05
CA LEU D 64 6.66 -19.83 24.88
C LEU D 64 5.42 -20.59 24.49
N CYS D 65 4.36 -20.44 25.28
CA CYS D 65 3.12 -21.15 25.04
C CYS D 65 1.99 -20.14 24.84
N SER D 66 0.95 -20.57 24.14
CA SER D 66 -0.23 -19.74 23.99
C SER D 66 -1.47 -20.62 24.04
N LEU D 67 -2.61 -19.99 24.31
CA LEU D 67 -3.85 -20.74 24.35
C LEU D 67 -5.03 -19.80 24.13
N GLY D 68 -6.21 -20.40 24.04
CA GLY D 68 -7.45 -19.73 24.35
C GLY D 68 -8.16 -20.56 25.39
N LEU D 69 -8.92 -19.90 26.25
CA LEU D 69 -9.60 -20.62 27.33
C LEU D 69 -10.76 -21.43 26.78
N PRO D 70 -10.94 -22.66 27.25
CA PRO D 70 -12.16 -23.40 26.91
C PRO D 70 -13.37 -22.78 27.60
N GLU D 71 -14.55 -22.99 26.99
CA GLU D 71 -15.75 -22.29 27.46
C GLU D 71 -16.03 -22.56 28.93
N ARG D 72 -15.77 -23.78 29.39
CA ARG D 72 -15.93 -24.09 30.81
C ARG D 72 -15.13 -23.17 31.71
N ALA D 73 -14.14 -22.45 31.18
CA ALA D 73 -13.29 -21.61 32.00
C ALA D 73 -13.11 -20.21 31.41
N TRP D 74 -14.11 -19.69 30.70
CA TRP D 74 -14.03 -18.34 30.16
C TRP D 74 -13.99 -17.33 31.31
N ALA D 75 -12.94 -16.49 31.32
CA ALA D 75 -12.68 -15.62 32.48
C ALA D 75 -13.81 -14.63 32.72
N SER D 76 -14.50 -14.19 31.67
CA SER D 76 -15.49 -13.14 31.82
C SER D 76 -16.74 -13.62 32.55
N VAL D 77 -16.98 -14.93 32.59
CA VAL D 77 -18.24 -15.44 33.12
C VAL D 77 -17.99 -16.52 34.17
N ARG D 78 -16.88 -17.25 34.06
CA ARG D 78 -16.52 -18.28 35.05
C ARG D 78 -15.10 -18.02 35.56
N PRO D 79 -14.90 -16.94 36.31
CA PRO D 79 -13.53 -16.52 36.63
C PRO D 79 -12.78 -17.49 37.52
N ASP D 80 -13.47 -18.15 38.45
CA ASP D 80 -12.77 -19.11 39.30
C ASP D 80 -12.24 -20.29 38.49
N ALA D 81 -13.06 -20.81 37.57
CA ALA D 81 -12.58 -21.88 36.70
C ALA D 81 -11.44 -21.39 35.82
N ALA D 82 -11.50 -20.12 35.40
CA ALA D 82 -10.44 -19.55 34.57
C ALA D 82 -9.12 -19.52 35.31
N ILE D 83 -9.15 -19.10 36.59
CA ILE D 83 -7.92 -19.05 37.38
C ILE D 83 -7.32 -20.45 37.51
N GLU D 84 -8.16 -21.44 37.82
CA GLU D 84 -7.66 -22.79 37.98
C GLU D 84 -7.06 -23.32 36.68
N HIS D 85 -7.70 -23.04 35.55
CA HIS D 85 -7.16 -23.50 34.27
C HIS D 85 -5.85 -22.80 33.93
N LEU D 86 -5.77 -21.49 34.18
CA LEU D 86 -4.53 -20.78 33.87
C LEU D 86 -3.39 -21.22 34.77
N LYS D 87 -3.68 -21.57 36.03
CA LYS D 87 -2.61 -22.07 36.89
C LYS D 87 -2.04 -23.39 36.34
N VAL D 88 -2.91 -24.27 35.86
CA VAL D 88 -2.45 -25.52 35.24
C VAL D 88 -1.62 -25.23 34.01
N ALA D 89 -2.10 -24.30 33.16
CA ALA D 89 -1.38 -23.98 31.93
C ALA D 89 -0.05 -23.30 32.22
N ILE D 90 -0.02 -22.40 33.21
CA ILE D 90 1.23 -21.76 33.61
C ILE D 90 2.23 -22.78 34.11
N ASP D 91 1.77 -23.74 34.91
CA ASP D 91 2.72 -24.72 35.44
C ASP D 91 3.29 -25.59 34.33
N LYS D 92 2.45 -26.04 33.39
CA LYS D 92 2.95 -26.85 32.30
C LYS D 92 3.90 -26.05 31.41
N THR D 93 3.57 -24.78 31.16
CA THR D 93 4.45 -23.93 30.36
C THR D 93 5.82 -23.83 31.01
N ALA D 94 5.85 -23.54 32.31
CA ALA D 94 7.13 -23.42 33.02
C ALA D 94 7.88 -24.75 33.03
N ASP D 95 7.17 -25.86 33.24
CA ASP D 95 7.82 -27.16 33.32
C ASP D 95 8.51 -27.55 32.01
N LEU D 96 7.93 -27.17 30.87
CA LEU D 96 8.54 -27.53 29.60
C LEU D 96 9.63 -26.56 29.18
N GLY D 97 9.88 -25.52 29.96
CA GLY D 97 10.89 -24.54 29.63
C GLY D 97 10.38 -23.30 28.93
N GLY D 98 9.06 -23.15 28.79
CA GLY D 98 8.53 -21.95 28.17
C GLY D 98 8.75 -20.72 29.01
N GLU D 99 8.87 -19.58 28.35
CA GLU D 99 9.17 -18.35 29.06
C GLU D 99 7.96 -17.45 29.26
N ALA D 100 6.83 -17.76 28.63
CA ALA D 100 5.64 -16.96 28.79
C ALA D 100 4.43 -17.77 28.34
N LEU D 101 3.27 -17.36 28.84
CA LEU D 101 2.00 -17.88 28.36
C LEU D 101 1.19 -16.72 27.79
N SER D 102 0.92 -16.77 26.49
CA SER D 102 0.25 -15.67 25.82
C SER D 102 -0.99 -16.13 25.07
N GLY D 103 -1.56 -15.25 24.26
CA GLY D 103 -2.75 -15.55 23.51
C GLY D 103 -4.02 -15.00 24.14
N VAL D 104 -5.14 -15.68 23.91
CA VAL D 104 -6.40 -15.25 24.49
C VAL D 104 -6.50 -15.89 25.88
N ILE D 105 -5.65 -15.46 26.80
CA ILE D 105 -5.64 -15.98 28.17
C ILE D 105 -6.77 -15.41 29.01
N TYR D 106 -7.58 -14.52 28.45
CA TYR D 106 -8.66 -13.83 29.14
C TYR D 106 -10.03 -14.28 28.66
N GLY D 107 -10.10 -15.23 27.75
CA GLY D 107 -11.39 -15.62 27.20
C GLY D 107 -11.23 -16.69 26.16
N GLY D 108 -12.28 -16.88 25.36
CA GLY D 108 -12.31 -17.92 24.38
C GLY D 108 -12.05 -17.43 22.96
N ILE D 109 -11.48 -18.32 22.16
CA ILE D 109 -11.40 -18.12 20.72
C ILE D 109 -12.74 -18.57 20.15
N GLY D 110 -13.56 -17.60 19.73
CA GLY D 110 -14.95 -17.82 19.41
C GLY D 110 -15.93 -17.36 20.48
N GLU D 111 -15.45 -16.70 21.53
CA GLU D 111 -16.32 -16.22 22.60
C GLU D 111 -17.11 -14.99 22.15
N ARG D 112 -18.41 -15.02 22.43
CA ARG D 112 -19.36 -14.05 21.91
C ARG D 112 -20.60 -14.09 22.80
N THR D 113 -20.97 -12.97 23.39
CA THR D 113 -22.24 -12.93 24.10
C THR D 113 -23.39 -12.49 23.21
N GLY D 114 -23.09 -11.80 22.11
CA GLY D 114 -24.11 -11.20 21.28
C GLY D 114 -24.31 -9.72 21.51
N VAL D 115 -23.72 -9.17 22.57
CA VAL D 115 -23.83 -7.75 22.90
C VAL D 115 -22.43 -7.23 23.24
N PRO D 116 -22.24 -5.92 23.29
CA PRO D 116 -20.90 -5.39 23.59
C PRO D 116 -20.43 -5.79 24.97
N PRO D 117 -19.12 -5.76 25.21
CA PRO D 117 -18.60 -6.16 26.52
C PRO D 117 -19.05 -5.19 27.61
N THR D 118 -19.19 -5.71 28.82
CA THR D 118 -19.69 -4.94 29.95
C THR D 118 -18.60 -4.75 30.99
N GLU D 119 -18.81 -3.77 31.87
CA GLU D 119 -17.84 -3.53 32.94
C GLU D 119 -17.72 -4.74 33.86
N ALA D 120 -18.83 -5.43 34.11
CA ALA D 120 -18.79 -6.62 34.96
C ALA D 120 -17.90 -7.69 34.37
N GLU D 121 -17.94 -7.86 33.03
CA GLU D 121 -17.06 -8.83 32.40
C GLU D 121 -15.59 -8.42 32.53
N TYR D 122 -15.30 -7.13 32.33
CA TYR D 122 -13.93 -6.66 32.49
C TYR D 122 -13.45 -6.80 33.94
N ASP D 123 -14.35 -6.61 34.91
CA ASP D 123 -14.01 -6.83 36.32
C ASP D 123 -13.53 -8.27 36.54
N ASN D 124 -14.27 -9.23 35.99
CA ASN D 124 -13.89 -10.63 36.14
C ASN D 124 -12.54 -10.92 35.48
N ILE D 125 -12.33 -10.43 34.25
CA ILE D 125 -11.05 -10.67 33.59
C ILE D 125 -9.90 -10.10 34.41
N ALA D 126 -10.11 -8.89 34.95
CA ALA D 126 -9.06 -8.26 35.74
C ALA D 126 -8.70 -9.08 36.97
N ARG D 127 -9.71 -9.66 37.65
CA ARG D 127 -9.43 -10.49 38.81
C ARG D 127 -8.70 -11.76 38.42
N VAL D 128 -9.13 -12.38 37.32
CA VAL D 128 -8.45 -13.58 36.81
C VAL D 128 -6.99 -13.29 36.48
N LEU D 129 -6.74 -12.21 35.72
CA LEU D 129 -5.38 -11.93 35.29
C LEU D 129 -4.49 -11.55 36.46
N SER D 130 -5.04 -10.86 37.46
CA SER D 130 -4.25 -10.52 38.63
C SER D 130 -3.77 -11.79 39.34
N ALA D 131 -4.68 -12.75 39.54
CA ALA D 131 -4.30 -14.00 40.17
C ALA D 131 -3.35 -14.80 39.29
N ALA D 132 -3.63 -14.88 37.99
CA ALA D 132 -2.75 -15.60 37.08
C ALA D 132 -1.37 -14.96 37.03
N ALA D 133 -1.31 -13.62 37.12
CA ALA D 133 -0.02 -12.94 37.07
C ALA D 133 0.84 -13.29 38.27
N LYS D 134 0.23 -13.38 39.46
CA LYS D 134 0.99 -13.80 40.64
C LYS D 134 1.47 -15.24 40.50
N HIS D 135 0.64 -16.12 39.97
CA HIS D 135 1.10 -17.49 39.80
C HIS D 135 2.20 -17.58 38.76
N ALA D 136 2.08 -16.82 37.66
CA ALA D 136 3.14 -16.79 36.66
C ALA D 136 4.45 -16.27 37.26
N LYS D 137 4.35 -15.24 38.11
CA LYS D 137 5.52 -14.74 38.81
C LYS D 137 6.18 -15.83 39.64
N SER D 138 5.37 -16.61 40.36
CA SER D 138 5.90 -17.68 41.20
C SER D 138 6.62 -18.73 40.37
N ARG D 139 6.22 -18.92 39.11
CA ARG D 139 6.92 -19.84 38.23
C ARG D 139 7.93 -19.15 37.32
N GLY D 140 8.10 -17.84 37.45
CA GLY D 140 9.14 -17.15 36.72
C GLY D 140 8.85 -16.92 35.25
N ILE D 141 7.59 -16.92 34.83
CA ILE D 141 7.25 -16.65 33.44
C ILE D 141 6.36 -15.41 33.38
N GLU D 142 6.23 -14.85 32.19
CA GLU D 142 5.34 -13.71 31.99
C GLU D 142 4.09 -14.16 31.26
N LEU D 143 3.08 -13.29 31.26
CA LEU D 143 1.83 -13.51 30.57
C LEU D 143 1.67 -12.49 29.45
N GLY D 144 1.08 -12.92 28.35
CA GLY D 144 0.75 -12.04 27.25
C GLY D 144 -0.75 -12.02 27.01
N VAL D 145 -1.25 -10.83 26.65
CA VAL D 145 -2.65 -10.62 26.31
C VAL D 145 -2.72 -10.29 24.83
N GLU D 146 -3.33 -11.16 24.04
CA GLU D 146 -3.40 -10.98 22.59
C GLU D 146 -4.74 -10.37 22.21
N ALA D 147 -4.70 -9.20 21.56
CA ALA D 147 -5.91 -8.64 20.98
C ALA D 147 -6.28 -9.44 19.73
N VAL D 148 -7.54 -9.88 19.63
CA VAL D 148 -8.02 -10.67 18.50
C VAL D 148 -9.25 -9.98 17.94
N ASN D 149 -9.66 -10.41 16.73
CA ASN D 149 -10.70 -9.65 16.05
C ASN D 149 -12.08 -9.92 16.66
N ARG D 150 -13.03 -9.06 16.28
CA ARG D 150 -14.39 -9.03 16.81
C ARG D 150 -15.12 -10.36 16.73
N TYR D 151 -14.75 -11.19 15.75
CA TYR D 151 -15.43 -12.46 15.58
C TYR D 151 -14.85 -13.57 16.44
N GLU D 152 -13.65 -13.39 16.97
CA GLU D 152 -13.04 -14.39 17.84
C GLU D 152 -13.23 -14.08 19.31
N ASN D 153 -13.49 -12.82 19.65
CA ASN D 153 -13.71 -12.42 21.04
C ASN D 153 -14.33 -11.02 21.05
N HIS D 154 -15.23 -10.77 22.00
CA HIS D 154 -15.90 -9.48 22.06
C HIS D 154 -15.26 -8.53 23.06
N LEU D 155 -14.21 -8.95 23.77
CA LEU D 155 -13.69 -8.21 24.92
C LEU D 155 -12.47 -7.36 24.62
N ILE D 156 -11.47 -7.90 23.93
CA ILE D 156 -10.20 -7.20 23.69
C ILE D 156 -9.87 -7.36 22.21
N ASN D 157 -10.08 -6.30 21.42
CA ASN D 157 -9.91 -6.37 19.97
C ASN D 157 -8.80 -5.47 19.44
N THR D 158 -8.37 -4.48 20.21
CA THR D 158 -7.41 -3.49 19.73
C THR D 158 -6.22 -3.42 20.68
N GLY D 159 -5.14 -2.86 20.17
CA GLY D 159 -4.01 -2.55 21.03
C GLY D 159 -4.40 -1.66 22.19
N TRP D 160 -5.26 -0.67 21.95
CA TRP D 160 -5.62 0.24 23.03
C TRP D 160 -6.43 -0.48 24.10
N GLN D 161 -7.34 -1.37 23.70
CA GLN D 161 -8.08 -2.13 24.70
C GLN D 161 -7.16 -3.03 25.51
N ALA D 162 -6.18 -3.66 24.85
CA ALA D 162 -5.27 -4.53 25.58
C ALA D 162 -4.45 -3.76 26.61
N VAL D 163 -3.99 -2.57 26.24
CA VAL D 163 -3.25 -1.74 27.18
C VAL D 163 -4.14 -1.32 28.35
N GLN D 164 -5.39 -0.97 28.07
CA GLN D 164 -6.32 -0.62 29.14
C GLN D 164 -6.47 -1.74 30.16
N MET D 165 -6.53 -3.00 29.69
CA MET D 165 -6.62 -4.10 30.64
C MET D 165 -5.32 -4.25 31.42
N ILE D 166 -4.17 -4.12 30.75
CA ILE D 166 -2.90 -4.28 31.45
C ILE D 166 -2.74 -3.21 32.51
N GLU D 167 -3.15 -1.98 32.21
CA GLU D 167 -3.08 -0.92 33.21
C GLU D 167 -4.04 -1.18 34.36
N ARG D 168 -5.23 -1.71 34.04
CA ARG D 168 -6.22 -2.02 35.08
C ARG D 168 -5.73 -3.10 36.05
N VAL D 169 -5.01 -4.10 35.53
CA VAL D 169 -4.55 -5.19 36.39
C VAL D 169 -3.36 -4.75 37.23
N GLY D 170 -2.48 -3.93 36.67
CA GLY D 170 -1.37 -3.38 37.41
C GLY D 170 -0.21 -4.31 37.65
N ALA D 171 -0.18 -5.47 37.00
CA ALA D 171 0.93 -6.40 37.12
C ALA D 171 1.98 -6.08 36.07
N ASP D 172 3.24 -5.98 36.49
CA ASP D 172 4.30 -5.63 35.55
C ASP D 172 4.82 -6.82 34.75
N ASN D 173 4.22 -8.00 34.91
CA ASN D 173 4.67 -9.17 34.15
C ASN D 173 3.64 -9.62 33.11
N ILE D 174 2.74 -8.71 32.70
CA ILE D 174 1.80 -8.94 31.62
C ILE D 174 2.15 -7.99 30.48
N PHE D 175 2.35 -8.53 29.28
CA PHE D 175 2.69 -7.72 28.11
C PHE D 175 1.56 -7.82 27.08
N VAL D 176 1.61 -6.92 26.06
CA VAL D 176 0.64 -6.94 24.98
C VAL D 176 1.22 -7.74 23.81
N HIS D 177 0.35 -8.54 23.20
CA HIS D 177 0.64 -9.42 22.08
C HIS D 177 -0.28 -8.96 20.97
N LEU D 178 0.29 -8.48 19.86
CA LEU D 178 -0.53 -8.08 18.73
C LEU D 178 -0.42 -9.10 17.61
N ASP D 179 -1.35 -9.01 16.65
CA ASP D 179 -1.41 -9.97 15.55
C ASP D 179 -1.88 -9.25 14.31
N THR D 180 -1.02 -9.22 13.28
CA THR D 180 -1.32 -8.43 12.08
C THR D 180 -2.59 -8.93 11.38
N TYR D 181 -2.90 -10.23 11.48
CA TYR D 181 -4.17 -10.70 10.93
C TYR D 181 -5.35 -10.07 11.65
N HIS D 182 -5.30 -9.99 12.98
CA HIS D 182 -6.37 -9.34 13.73
C HIS D 182 -6.36 -7.82 13.52
N MET D 183 -5.18 -7.21 13.50
CA MET D 183 -5.11 -5.76 13.31
C MET D 183 -5.62 -5.34 11.93
N ASN D 184 -5.42 -6.19 10.92
CA ASN D 184 -5.94 -5.94 9.58
C ASN D 184 -7.44 -5.66 9.58
N ILE D 185 -8.17 -6.23 10.52
CA ILE D 185 -9.61 -5.96 10.68
C ILE D 185 -9.85 -4.84 11.68
N GLU D 186 -9.18 -4.90 12.82
CA GLU D 186 -9.58 -4.11 13.98
C GLU D 186 -8.97 -2.72 14.05
N GLU D 187 -7.76 -2.51 13.53
CA GLU D 187 -7.08 -1.23 13.75
C GLU D 187 -7.38 -0.27 12.60
N LYS D 188 -7.68 0.98 12.97
CA LYS D 188 -8.03 2.03 12.02
C LYS D 188 -6.74 2.57 11.42
N GLY D 189 -6.17 1.80 10.49
CA GLY D 189 -4.79 1.94 10.09
C GLY D 189 -3.93 1.05 10.96
N VAL D 190 -3.22 0.08 10.37
CA VAL D 190 -2.64 -1.00 11.17
C VAL D 190 -1.59 -0.47 12.15
N GLY D 191 -0.85 0.57 11.76
CA GLY D 191 0.16 1.12 12.66
C GLY D 191 -0.41 1.63 13.97
N ASN D 192 -1.69 2.04 13.99
CA ASN D 192 -2.30 2.53 15.22
C ASN D 192 -2.33 1.47 16.31
N GLY D 193 -2.46 0.19 15.96
CA GLY D 193 -2.37 -0.84 16.98
C GLY D 193 -0.99 -0.88 17.64
N ILE D 194 0.05 -0.78 16.83
CA ILE D 194 1.41 -0.78 17.36
C ILE D 194 1.67 0.48 18.16
N LEU D 195 1.23 1.63 17.65
CA LEU D 195 1.38 2.89 18.37
C LEU D 195 0.70 2.82 19.73
N ASP D 196 -0.56 2.39 19.75
CA ASP D 196 -1.33 2.39 20.99
C ASP D 196 -0.73 1.44 22.02
N ALA D 197 -0.07 0.37 21.58
CA ALA D 197 0.46 -0.65 22.48
C ALA D 197 1.94 -0.49 22.79
N ARG D 198 2.56 0.61 22.35
CA ARG D 198 4.02 0.66 22.27
C ARG D 198 4.70 0.46 23.63
N GLU D 199 4.07 0.88 24.72
CA GLU D 199 4.72 0.77 26.01
C GLU D 199 4.69 -0.64 26.57
N HIS D 200 3.84 -1.50 26.03
CA HIS D 200 3.68 -2.86 26.55
C HIS D 200 3.86 -3.94 25.49
N LEU D 201 4.15 -3.58 24.25
CA LEU D 201 4.22 -4.55 23.17
C LEU D 201 5.52 -5.35 23.23
N LYS D 202 5.42 -6.67 23.45
CA LYS D 202 6.59 -7.53 23.49
C LYS D 202 6.55 -8.70 22.52
N TYR D 203 5.47 -8.86 21.76
CA TYR D 203 5.32 -10.04 20.92
C TYR D 203 4.31 -9.71 19.83
N ILE D 204 4.63 -10.09 18.60
CA ILE D 204 3.70 -9.84 17.50
C ILE D 204 3.64 -11.07 16.61
N HIS D 205 2.42 -11.50 16.31
CA HIS D 205 2.18 -12.47 15.24
C HIS D 205 2.22 -11.74 13.90
N LEU D 206 3.20 -12.10 13.08
CA LEU D 206 3.29 -11.62 11.71
C LEU D 206 2.55 -12.62 10.83
N SER D 207 1.23 -12.47 10.80
CA SER D 207 0.34 -13.45 10.21
C SER D 207 -0.40 -12.76 9.07
N GLU D 208 -0.43 -13.40 7.90
CA GLU D 208 -1.06 -12.76 6.74
C GLU D 208 -2.57 -12.68 6.92
N SER D 209 -3.18 -11.82 6.10
CA SER D 209 -4.58 -11.43 6.25
C SER D 209 -5.54 -12.61 6.13
N ASP D 210 -5.17 -13.65 5.39
CA ASP D 210 -5.97 -14.86 5.26
C ASP D 210 -5.36 -16.05 5.99
N ARG D 211 -4.41 -15.79 6.89
CA ARG D 211 -3.62 -16.77 7.62
C ARG D 211 -2.66 -17.54 6.72
N GLY D 212 -2.45 -17.11 5.48
CA GLY D 212 -1.55 -17.77 4.57
C GLY D 212 -0.11 -17.29 4.59
N THR D 213 0.48 -17.08 3.42
CA THR D 213 1.91 -16.76 3.36
C THR D 213 2.14 -15.27 3.55
N PRO D 214 2.90 -14.87 4.56
CA PRO D 214 3.19 -13.44 4.73
C PRO D 214 3.87 -12.84 3.51
N GLY D 215 3.37 -11.66 3.12
CA GLY D 215 3.82 -10.97 1.94
C GLY D 215 2.88 -11.12 0.76
N TYR D 216 1.90 -12.02 0.85
CA TYR D 216 1.04 -12.39 -0.27
C TYR D 216 -0.43 -12.39 0.15
N GLY D 217 -0.79 -11.41 0.97
CA GLY D 217 -2.16 -11.11 1.30
C GLY D 217 -2.41 -9.62 1.31
N THR D 218 -3.16 -9.10 2.28
CA THR D 218 -3.50 -7.67 2.27
C THR D 218 -2.86 -6.88 3.40
N CYS D 219 -2.08 -7.50 4.27
CA CYS D 219 -1.47 -6.79 5.39
C CYS D 219 -0.52 -5.71 4.89
N GLY D 220 -0.54 -4.55 5.55
CA GLY D 220 0.35 -3.45 5.17
C GLY D 220 1.73 -3.60 5.78
N TRP D 221 2.56 -4.48 5.20
CA TRP D 221 3.80 -4.87 5.85
C TRP D 221 4.77 -3.71 6.01
N ASP D 222 4.84 -2.81 5.02
CA ASP D 222 5.79 -1.70 5.16
C ASP D 222 5.40 -0.77 6.31
N GLU D 223 4.10 -0.47 6.44
CA GLU D 223 3.64 0.30 7.60
C GLU D 223 3.93 -0.45 8.90
N ILE D 224 3.67 -1.76 8.91
CA ILE D 224 3.91 -2.56 10.11
C ILE D 224 5.37 -2.49 10.53
N PHE D 225 6.28 -2.79 9.60
CA PHE D 225 7.69 -2.85 9.97
C PHE D 225 8.26 -1.48 10.28
N SER D 226 7.83 -0.45 9.53
CA SER D 226 8.32 0.89 9.82
C SER D 226 7.89 1.35 11.21
N THR D 227 6.65 1.01 11.60
CA THR D 227 6.16 1.45 12.90
C THR D 227 6.79 0.66 14.03
N LEU D 228 7.01 -0.65 13.83
CA LEU D 228 7.76 -1.43 14.81
C LEU D 228 9.16 -0.86 15.02
N ALA D 229 9.85 -0.52 13.94
CA ALA D 229 11.17 0.09 14.10
C ALA D 229 11.08 1.43 14.80
N ALA D 230 10.07 2.23 14.45
CA ALA D 230 9.92 3.55 15.04
C ALA D 230 9.69 3.51 16.54
N ILE D 231 8.99 2.49 17.04
CA ILE D 231 8.76 2.40 18.48
C ILE D 231 9.85 1.61 19.18
N GLY D 232 10.86 1.15 18.46
CA GLY D 232 11.96 0.44 19.07
C GLY D 232 11.60 -0.96 19.53
N PHE D 233 10.73 -1.64 18.77
CA PHE D 233 10.32 -3.00 19.14
C PHE D 233 11.51 -3.94 19.19
N LYS D 234 11.61 -4.72 20.27
CA LYS D 234 12.73 -5.61 20.50
C LYS D 234 12.28 -7.00 20.94
N GLY D 235 11.00 -7.32 20.77
CA GLY D 235 10.42 -8.56 21.24
C GLY D 235 10.38 -9.63 20.15
N GLY D 236 9.47 -10.59 20.33
CA GLY D 236 9.38 -11.71 19.41
C GLY D 236 8.57 -11.38 18.17
N LEU D 237 9.11 -11.77 17.02
CA LEU D 237 8.41 -11.72 15.73
C LEU D 237 8.08 -13.16 15.36
N ALA D 238 6.81 -13.49 15.32
CA ALA D 238 6.42 -14.89 15.23
C ALA D 238 5.43 -15.12 14.09
N MET D 239 5.70 -16.13 13.27
CA MET D 239 4.78 -16.52 12.22
C MET D 239 3.62 -17.34 12.77
N GLU D 240 2.46 -17.19 12.14
CA GLU D 240 1.28 -17.98 12.51
C GLU D 240 0.49 -18.25 11.25
N SER D 241 0.53 -19.49 10.78
CA SER D 241 -0.22 -19.89 9.60
C SER D 241 -0.78 -21.29 9.87
N PHE D 242 -2.09 -21.45 9.72
CA PHE D 242 -2.75 -22.68 10.18
C PHE D 242 -2.72 -23.73 9.07
N ILE D 243 -1.51 -24.19 8.78
CA ILE D 243 -1.33 -25.38 7.94
C ILE D 243 -1.98 -26.57 8.61
N ASN D 244 -1.78 -26.69 9.92
CA ASN D 244 -2.48 -27.64 10.76
C ASN D 244 -3.32 -26.85 11.75
N MET D 245 -4.45 -27.41 12.13
CA MET D 245 -5.40 -26.70 12.97
C MET D 245 -5.63 -27.46 14.27
N PRO D 246 -5.22 -26.94 15.42
CA PRO D 246 -5.53 -27.60 16.69
C PRO D 246 -7.03 -27.76 16.83
N PRO D 247 -7.49 -28.97 17.14
CA PRO D 247 -8.94 -29.22 17.12
C PRO D 247 -9.73 -28.36 18.10
N GLU D 248 -9.16 -28.06 19.26
CA GLU D 248 -9.89 -27.37 20.31
C GLU D 248 -10.25 -25.92 19.97
N VAL D 249 -9.59 -25.32 18.98
CA VAL D 249 -9.85 -23.94 18.60
C VAL D 249 -10.29 -23.82 17.13
N ALA D 250 -10.48 -24.95 16.44
CA ALA D 250 -10.82 -24.90 15.02
C ALA D 250 -12.12 -24.14 14.77
N TYR D 251 -13.13 -24.36 15.60
CA TYR D 251 -14.42 -23.72 15.39
C TYR D 251 -14.29 -22.21 15.46
N GLY D 252 -13.43 -21.71 16.36
CA GLY D 252 -13.29 -20.28 16.53
C GLY D 252 -12.36 -19.63 15.53
N LEU D 253 -11.37 -20.37 15.02
CA LEU D 253 -10.39 -19.77 14.13
C LEU D 253 -10.87 -19.72 12.67
N ALA D 254 -11.85 -20.54 12.30
CA ALA D 254 -12.60 -20.38 11.05
C ALA D 254 -11.73 -20.57 9.80
N VAL D 255 -10.93 -21.63 9.80
CA VAL D 255 -10.14 -22.02 8.63
C VAL D 255 -10.89 -23.16 7.95
N TRP D 256 -11.66 -22.80 6.93
CA TRP D 256 -12.56 -23.72 6.23
C TRP D 256 -11.98 -24.26 4.94
N ARG D 257 -10.78 -23.81 4.58
CA ARG D 257 -10.12 -24.13 3.33
C ARG D 257 -8.64 -23.89 3.53
N PRO D 258 -7.77 -24.51 2.74
CA PRO D 258 -6.33 -24.39 2.99
C PRO D 258 -5.87 -22.94 2.94
N VAL D 259 -5.08 -22.55 3.94
CA VAL D 259 -4.54 -21.18 3.96
C VAL D 259 -3.44 -20.99 2.94
N ALA D 260 -2.83 -22.08 2.48
CA ALA D 260 -1.72 -22.07 1.55
C ALA D 260 -1.51 -23.51 1.10
N LYS D 261 -0.63 -23.68 0.10
CA LYS D 261 -0.43 -25.00 -0.47
C LYS D 261 0.11 -25.98 0.56
N ASP D 262 1.14 -25.59 1.30
CA ASP D 262 1.74 -26.46 2.29
C ASP D 262 2.71 -25.64 3.14
N GLU D 263 3.27 -26.30 4.15
CA GLU D 263 4.21 -25.65 5.06
C GLU D 263 5.46 -25.16 4.35
N GLU D 264 5.92 -25.90 3.33
CA GLU D 264 7.13 -25.48 2.62
C GLU D 264 6.91 -24.19 1.86
N GLU D 265 5.69 -23.95 1.37
CA GLU D 265 5.39 -22.69 0.68
C GLU D 265 5.34 -21.53 1.66
N VAL D 266 4.71 -21.71 2.83
CA VAL D 266 4.60 -20.62 3.78
C VAL D 266 5.97 -20.28 4.37
N MET D 267 6.72 -21.31 4.77
CA MET D 267 8.03 -21.07 5.37
C MET D 267 9.06 -20.71 4.31
N GLY D 268 8.95 -21.29 3.12
CA GLY D 268 9.93 -21.03 2.09
C GLY D 268 9.83 -19.64 1.50
N ASN D 269 8.62 -19.09 1.45
CA ASN D 269 8.41 -17.75 0.92
C ASN D 269 8.14 -16.71 1.98
N GLY D 270 7.43 -17.08 3.06
CA GLY D 270 7.02 -16.11 4.04
C GLY D 270 8.12 -15.72 5.01
N LEU D 271 8.88 -16.70 5.50
CA LEU D 271 9.95 -16.36 6.45
C LEU D 271 11.03 -15.48 5.82
N PRO D 272 11.54 -15.78 4.62
CA PRO D 272 12.51 -14.84 4.03
C PRO D 272 11.93 -13.45 3.84
N PHE D 273 10.67 -13.35 3.40
CA PHE D 273 10.04 -12.04 3.26
C PHE D 273 10.07 -11.25 4.57
N LEU D 274 9.70 -11.90 5.66
CA LEU D 274 9.67 -11.20 6.95
C LEU D 274 11.07 -10.89 7.46
N ARG D 275 12.00 -11.84 7.30
CA ARG D 275 13.38 -11.56 7.69
C ARG D 275 13.93 -10.39 6.90
N ASN D 276 13.62 -10.35 5.61
CA ASN D 276 14.12 -9.29 4.75
C ASN D 276 13.53 -7.95 5.15
N LYS D 277 12.23 -7.93 5.50
CA LYS D 277 11.61 -6.68 5.93
C LYS D 277 12.16 -6.21 7.26
N ALA D 278 12.37 -7.12 8.21
CA ALA D 278 12.99 -6.73 9.47
C ALA D 278 14.37 -6.11 9.24
N LYS D 279 15.15 -6.69 8.32
CA LYS D 279 16.45 -6.12 7.97
C LYS D 279 16.27 -4.75 7.32
N GLN D 280 15.34 -4.65 6.39
CA GLN D 280 15.13 -3.42 5.62
C GLN D 280 14.85 -2.23 6.54
N TYR D 281 14.03 -2.44 7.58
CA TYR D 281 13.64 -1.37 8.48
C TYR D 281 14.46 -1.35 9.75
N GLY D 282 15.52 -2.16 9.81
CA GLY D 282 16.51 -2.06 10.86
C GLY D 282 15.98 -2.43 12.23
N LEU D 283 15.11 -3.44 12.30
CA LEU D 283 14.54 -3.82 13.58
C LEU D 283 15.65 -4.29 14.52
N ILE D 284 15.52 -3.93 15.80
CA ILE D 284 16.56 -4.23 16.78
C ILE D 284 16.81 -5.73 16.82
N GLY D 285 18.07 -6.12 16.61
CA GLY D 285 18.42 -7.51 16.40
C GLY D 285 18.08 -8.06 15.04
N ASN D 286 17.41 -7.29 14.18
CA ASN D 286 16.91 -7.74 12.88
C ASN D 286 16.06 -8.99 13.03
#